data_8S7A
# 
_entry.id   8S7A 
# 
_audit_conform.dict_name       mmcif_pdbx.dic 
_audit_conform.dict_version    5.402 
_audit_conform.dict_location   http://mmcif.pdb.org/dictionaries/ascii/mmcif_pdbx.dic 
# 
loop_
_database_2.database_id 
_database_2.database_code 
_database_2.pdbx_database_accession 
_database_2.pdbx_DOI 
PDB   8S7A         pdb_00008s7a 10.2210/pdb8s7a/pdb 
WWPDB D_1292136966 ?            ?                   
# 
_pdbx_audit_revision_history.ordinal             1 
_pdbx_audit_revision_history.data_content_type   'Structure model' 
_pdbx_audit_revision_history.major_revision      1 
_pdbx_audit_revision_history.minor_revision      0 
_pdbx_audit_revision_history.revision_date       2025-03-12 
_pdbx_audit_revision_history.part_number         ? 
# 
_pdbx_audit_revision_details.ordinal             1 
_pdbx_audit_revision_details.revision_ordinal    1 
_pdbx_audit_revision_details.data_content_type   'Structure model' 
_pdbx_audit_revision_details.provider            repository 
_pdbx_audit_revision_details.type                'Initial release' 
_pdbx_audit_revision_details.description         ? 
_pdbx_audit_revision_details.details             ? 
# 
_pdbx_database_status.status_code                     REL 
_pdbx_database_status.status_code_sf                  REL 
_pdbx_database_status.status_code_mr                  ? 
_pdbx_database_status.entry_id                        8S7A 
_pdbx_database_status.recvd_initial_deposition_date   2024-02-29 
_pdbx_database_status.SG_entry                        N 
_pdbx_database_status.deposit_site                    PDBE 
_pdbx_database_status.process_site                    PDBE 
_pdbx_database_status.status_code_cs                  ? 
_pdbx_database_status.status_code_nmr_data            ? 
_pdbx_database_status.methods_development_category    ? 
_pdbx_database_status.pdb_format_compatible           Y 
# 
_pdbx_contact_author.id                 2 
_pdbx_contact_author.email              justin.benesch@chem.ox.ac.uk 
_pdbx_contact_author.name_first         Justin 
_pdbx_contact_author.name_last          Benesch 
_pdbx_contact_author.name_mi            ? 
_pdbx_contact_author.role               'principal investigator/group leader' 
_pdbx_contact_author.identifier_ORCID   0000-0002-1507-3742 
# 
loop_
_audit_author.name 
_audit_author.pdbx_ordinal 
_audit_author.identifier_ORCID 
'Wang, Z.'    1 ? 
'Benesch, J.' 2 ? 
# 
_citation.abstract                  ? 
_citation.abstract_id_CAS           ? 
_citation.book_id_ISBN              ? 
_citation.book_publisher            ? 
_citation.book_publisher_city       ? 
_citation.book_title                ? 
_citation.coordinate_linkage        ? 
_citation.country                   ? 
_citation.database_id_Medline       ? 
_citation.details                   ? 
_citation.id                        primary 
_citation.journal_abbrev            'To Be Published' 
_citation.journal_id_ASTM           ? 
_citation.journal_id_CSD            0353 
_citation.journal_id_ISSN           ? 
_citation.journal_full              ? 
_citation.journal_issue             ? 
_citation.journal_volume            ? 
_citation.language                  ? 
_citation.page_first                ? 
_citation.page_last                 ? 
_citation.title                     'HSPB8acd C99S/F155T/A156S' 
_citation.year                      ? 
_citation.database_id_CSD           ? 
_citation.pdbx_database_id_DOI      ? 
_citation.pdbx_database_id_PubMed   ? 
_citation.pdbx_database_id_patent   ? 
_citation.unpublished_flag          ? 
# 
loop_
_citation_author.citation_id 
_citation_author.name 
_citation_author.ordinal 
_citation_author.identifier_ORCID 
primary 'Wang, Z.'    1 ? 
primary 'Benesch, J.' 2 ? 
# 
loop_
_entity.id 
_entity.type 
_entity.src_method 
_entity.pdbx_description 
_entity.formula_weight 
_entity.pdbx_number_of_molecules 
_entity.pdbx_ec 
_entity.pdbx_mutation 
_entity.pdbx_fragment 
_entity.details 
1 polymer     man 'Heat shock protein beta-8' 9140.352 1  ? ? ? ? 
2 non-polymer syn 'SULFATE ION'               96.063   1  ? ? ? ? 
3 non-polymer syn GLYCEROL                    92.094   1  ? ? ? ? 
4 water       nat water                       18.015   13 ? ? ? ? 
# 
_entity_name_com.entity_id   1 
_entity_name_com.name        
'HspB8,Alpha-crystallin C chain,E2-induced gene 1 protein,Protein kinase H11,Small stress protein-like protein HSP22' 
# 
_entity_poly.entity_id                      1 
_entity_poly.type                           'polypeptide(L)' 
_entity_poly.nstd_linkage                   no 
_entity_poly.nstd_monomer                   no 
_entity_poly.pdbx_seq_one_letter_code       
;GSTPPPFPGEPWKVSVNVHSFKPEELMVKTKDGYVEVSGKHEEKQQEGGIVSKNFTKKIQLPAEVDPVTVTSSLSPEGLL
IIEA
;
_entity_poly.pdbx_seq_one_letter_code_can   
;GSTPPPFPGEPWKVSVNVHSFKPEELMVKTKDGYVEVSGKHEEKQQEGGIVSKNFTKKIQLPAEVDPVTVTSSLSPEGLL
IIEA
;
_entity_poly.pdbx_strand_id                 A 
_entity_poly.pdbx_target_identifier         ? 
# 
loop_
_pdbx_entity_nonpoly.entity_id 
_pdbx_entity_nonpoly.name 
_pdbx_entity_nonpoly.comp_id 
2 'SULFATE ION' SO4 
3 GLYCEROL      GOL 
4 water         HOH 
# 
loop_
_entity_poly_seq.entity_id 
_entity_poly_seq.num 
_entity_poly_seq.mon_id 
_entity_poly_seq.hetero 
1 1  GLY n 
1 2  SER n 
1 3  THR n 
1 4  PRO n 
1 5  PRO n 
1 6  PRO n 
1 7  PHE n 
1 8  PRO n 
1 9  GLY n 
1 10 GLU n 
1 11 PRO n 
1 12 TRP n 
1 13 LYS n 
1 14 VAL n 
1 15 SER n 
1 16 VAL n 
1 17 ASN n 
1 18 VAL n 
1 19 HIS n 
1 20 SER n 
1 21 PHE n 
1 22 LYS n 
1 23 PRO n 
1 24 GLU n 
1 25 GLU n 
1 26 LEU n 
1 27 MET n 
1 28 VAL n 
1 29 LYS n 
1 30 THR n 
1 31 LYS n 
1 32 ASP n 
1 33 GLY n 
1 34 TYR n 
1 35 VAL n 
1 36 GLU n 
1 37 VAL n 
1 38 SER n 
1 39 GLY n 
1 40 LYS n 
1 41 HIS n 
1 42 GLU n 
1 43 GLU n 
1 44 LYS n 
1 45 GLN n 
1 46 GLN n 
1 47 GLU n 
1 48 GLY n 
1 49 GLY n 
1 50 ILE n 
1 51 VAL n 
1 52 SER n 
1 53 LYS n 
1 54 ASN n 
1 55 PHE n 
1 56 THR n 
1 57 LYS n 
1 58 LYS n 
1 59 ILE n 
1 60 GLN n 
1 61 LEU n 
1 62 PRO n 
1 63 ALA n 
1 64 GLU n 
1 65 VAL n 
1 66 ASP n 
1 67 PRO n 
1 68 VAL n 
1 69 THR n 
1 70 VAL n 
1 71 THR n 
1 72 SER n 
1 73 SER n 
1 74 LEU n 
1 75 SER n 
1 76 PRO n 
1 77 GLU n 
1 78 GLY n 
1 79 LEU n 
1 80 LEU n 
1 81 ILE n 
1 82 ILE n 
1 83 GLU n 
1 84 ALA n 
# 
_entity_src_gen.entity_id                          1 
_entity_src_gen.pdbx_src_id                        1 
_entity_src_gen.pdbx_alt_source_flag               sample 
_entity_src_gen.pdbx_seq_type                      'Biological sequence' 
_entity_src_gen.pdbx_beg_seq_num                   1 
_entity_src_gen.pdbx_end_seq_num                   84 
_entity_src_gen.gene_src_common_name               human 
_entity_src_gen.gene_src_genus                     ? 
_entity_src_gen.pdbx_gene_src_gene                 'HSPB8, CRYAC, E2IG1, HSP22, PP1629' 
_entity_src_gen.gene_src_species                   ? 
_entity_src_gen.gene_src_strain                    ? 
_entity_src_gen.gene_src_tissue                    ? 
_entity_src_gen.gene_src_tissue_fraction           ? 
_entity_src_gen.gene_src_details                   ? 
_entity_src_gen.pdbx_gene_src_fragment             ? 
_entity_src_gen.pdbx_gene_src_scientific_name      'Homo sapiens' 
_entity_src_gen.pdbx_gene_src_ncbi_taxonomy_id     9606 
_entity_src_gen.pdbx_gene_src_variant              ? 
_entity_src_gen.pdbx_gene_src_cell_line            ? 
_entity_src_gen.pdbx_gene_src_atcc                 ? 
_entity_src_gen.pdbx_gene_src_organ                ? 
_entity_src_gen.pdbx_gene_src_organelle            ? 
_entity_src_gen.pdbx_gene_src_cell                 ? 
_entity_src_gen.pdbx_gene_src_cellular_location    ? 
_entity_src_gen.host_org_common_name               ? 
_entity_src_gen.pdbx_host_org_scientific_name      'Escherichia coli BL21(DE3)' 
_entity_src_gen.pdbx_host_org_ncbi_taxonomy_id     469008 
_entity_src_gen.host_org_genus                     ? 
_entity_src_gen.pdbx_host_org_gene                 ? 
_entity_src_gen.pdbx_host_org_organ                ? 
_entity_src_gen.host_org_species                   ? 
_entity_src_gen.pdbx_host_org_tissue               ? 
_entity_src_gen.pdbx_host_org_tissue_fraction      ? 
_entity_src_gen.pdbx_host_org_strain               ? 
_entity_src_gen.pdbx_host_org_variant              ? 
_entity_src_gen.pdbx_host_org_cell_line            ? 
_entity_src_gen.pdbx_host_org_atcc                 ? 
_entity_src_gen.pdbx_host_org_culture_collection   ? 
_entity_src_gen.pdbx_host_org_cell                 ? 
_entity_src_gen.pdbx_host_org_organelle            ? 
_entity_src_gen.pdbx_host_org_cellular_location    ? 
_entity_src_gen.pdbx_host_org_vector_type          ? 
_entity_src_gen.pdbx_host_org_vector               ? 
_entity_src_gen.host_org_details                   ? 
_entity_src_gen.expression_system_id               ? 
_entity_src_gen.plasmid_name                       ? 
_entity_src_gen.plasmid_details                    ? 
_entity_src_gen.pdbx_description                   ? 
# 
loop_
_chem_comp.id 
_chem_comp.type 
_chem_comp.mon_nstd_flag 
_chem_comp.name 
_chem_comp.pdbx_synonyms 
_chem_comp.formula 
_chem_comp.formula_weight 
ALA 'L-peptide linking' y ALANINE         ?                               'C3 H7 N O2'     89.093  
ASN 'L-peptide linking' y ASPARAGINE      ?                               'C4 H8 N2 O3'    132.118 
ASP 'L-peptide linking' y 'ASPARTIC ACID' ?                               'C4 H7 N O4'     133.103 
CYS 'L-peptide linking' y CYSTEINE        ?                               'C3 H7 N O2 S'   121.158 
GLN 'L-peptide linking' y GLUTAMINE       ?                               'C5 H10 N2 O3'   146.144 
GLU 'L-peptide linking' y 'GLUTAMIC ACID' ?                               'C5 H9 N O4'     147.129 
GLY 'peptide linking'   y GLYCINE         ?                               'C2 H5 N O2'     75.067  
GOL non-polymer         . GLYCEROL        'GLYCERIN; PROPANE-1,2,3-TRIOL' 'C3 H8 O3'       92.094  
HIS 'L-peptide linking' y HISTIDINE       ?                               'C6 H10 N3 O2 1' 156.162 
HOH non-polymer         . WATER           ?                               'H2 O'           18.015  
ILE 'L-peptide linking' y ISOLEUCINE      ?                               'C6 H13 N O2'    131.173 
LEU 'L-peptide linking' y LEUCINE         ?                               'C6 H13 N O2'    131.173 
LYS 'L-peptide linking' y LYSINE          ?                               'C6 H15 N2 O2 1' 147.195 
MET 'L-peptide linking' y METHIONINE      ?                               'C5 H11 N O2 S'  149.211 
PHE 'L-peptide linking' y PHENYLALANINE   ?                               'C9 H11 N O2'    165.189 
PRO 'L-peptide linking' y PROLINE         ?                               'C5 H9 N O2'     115.130 
SER 'L-peptide linking' y SERINE          ?                               'C3 H7 N O3'     105.093 
SO4 non-polymer         . 'SULFATE ION'   ?                               'O4 S -2'        96.063  
THR 'L-peptide linking' y THREONINE       ?                               'C4 H9 N O3'     119.119 
TRP 'L-peptide linking' y TRYPTOPHAN      ?                               'C11 H12 N2 O2'  204.225 
TYR 'L-peptide linking' y TYROSINE        ?                               'C9 H11 N O3'    181.189 
VAL 'L-peptide linking' y VALINE          ?                               'C5 H11 N O2'    117.146 
# 
loop_
_pdbx_poly_seq_scheme.asym_id 
_pdbx_poly_seq_scheme.entity_id 
_pdbx_poly_seq_scheme.seq_id 
_pdbx_poly_seq_scheme.mon_id 
_pdbx_poly_seq_scheme.ndb_seq_num 
_pdbx_poly_seq_scheme.pdb_seq_num 
_pdbx_poly_seq_scheme.auth_seq_num 
_pdbx_poly_seq_scheme.pdb_mon_id 
_pdbx_poly_seq_scheme.auth_mon_id 
_pdbx_poly_seq_scheme.pdb_strand_id 
_pdbx_poly_seq_scheme.pdb_ins_code 
_pdbx_poly_seq_scheme.hetero 
A 1 1  GLY 1  85  ?   ?   ?   A . n 
A 1 2  SER 2  86  ?   ?   ?   A . n 
A 1 3  THR 3  87  ?   ?   ?   A . n 
A 1 4  PRO 4  88  ?   ?   ?   A . n 
A 1 5  PRO 5  89  ?   ?   ?   A . n 
A 1 6  PRO 6  90  ?   ?   ?   A . n 
A 1 7  PHE 7  91  ?   ?   ?   A . n 
A 1 8  PRO 8  92  ?   ?   ?   A . n 
A 1 9  GLY 9  93  ?   ?   ?   A . n 
A 1 10 GLU 10 94  ?   ?   ?   A . n 
A 1 11 PRO 11 95  95  PRO PRO A . n 
A 1 12 TRP 12 96  96  TRP TRP A . n 
A 1 13 LYS 13 97  97  LYS LYS A . n 
A 1 14 VAL 14 98  98  VAL VAL A . n 
A 1 15 SER 15 99  99  SER SER A . n 
A 1 16 VAL 16 100 100 VAL VAL A . n 
A 1 17 ASN 17 101 101 ASN ASN A . n 
A 1 18 VAL 18 102 102 VAL VAL A . n 
A 1 19 HIS 19 103 103 HIS HIS A . n 
A 1 20 SER 20 104 104 SER SER A . n 
A 1 21 PHE 21 105 105 PHE PHE A . n 
A 1 22 LYS 22 106 106 LYS LYS A . n 
A 1 23 PRO 23 107 107 PRO PRO A . n 
A 1 24 GLU 24 108 108 GLU GLU A . n 
A 1 25 GLU 25 109 109 GLU GLU A . n 
A 1 26 LEU 26 110 110 LEU LEU A . n 
A 1 27 MET 27 111 111 MET MET A . n 
A 1 28 VAL 28 112 112 VAL VAL A . n 
A 1 29 LYS 29 113 113 LYS LYS A . n 
A 1 30 THR 30 114 114 THR THR A . n 
A 1 31 LYS 31 115 115 LYS LYS A . n 
A 1 32 ASP 32 116 116 ASP ASP A . n 
A 1 33 GLY 33 117 117 GLY GLY A . n 
A 1 34 TYR 34 118 118 TYR TYR A . n 
A 1 35 VAL 35 119 119 VAL VAL A . n 
A 1 36 GLU 36 120 120 GLU GLU A . n 
A 1 37 VAL 37 121 121 VAL VAL A . n 
A 1 38 SER 38 122 122 SER SER A . n 
A 1 39 GLY 39 123 123 GLY GLY A . n 
A 1 40 LYS 40 124 124 LYS LYS A . n 
A 1 41 HIS 41 125 125 HIS HIS A . n 
A 1 42 GLU 42 126 126 GLU GLU A . n 
A 1 43 GLU 43 127 127 GLU GLU A . n 
A 1 44 LYS 44 128 128 LYS LYS A . n 
A 1 45 GLN 45 129 129 GLN GLN A . n 
A 1 46 GLN 46 130 130 GLN GLN A . n 
A 1 47 GLU 47 131 131 GLU GLU A . n 
A 1 48 GLY 48 132 132 GLY GLY A . n 
A 1 49 GLY 49 133 133 GLY GLY A . n 
A 1 50 ILE 50 134 134 ILE ILE A . n 
A 1 51 VAL 51 135 135 VAL VAL A . n 
A 1 52 SER 52 136 136 SER SER A . n 
A 1 53 LYS 53 137 137 LYS LYS A . n 
A 1 54 ASN 54 138 138 ASN ASN A . n 
A 1 55 PHE 55 139 139 PHE PHE A . n 
A 1 56 THR 56 140 140 THR THR A . n 
A 1 57 LYS 57 141 141 LYS LYS A . n 
A 1 58 LYS 58 142 142 LYS LYS A . n 
A 1 59 ILE 59 143 143 ILE ILE A . n 
A 1 60 GLN 60 144 144 GLN GLN A . n 
A 1 61 LEU 61 145 145 LEU LEU A . n 
A 1 62 PRO 62 146 146 PRO PRO A . n 
A 1 63 ALA 63 147 147 ALA ALA A . n 
A 1 64 GLU 64 148 148 GLU GLU A . n 
A 1 65 VAL 65 149 149 VAL VAL A . n 
A 1 66 ASP 66 150 150 ASP ASP A . n 
A 1 67 PRO 67 151 151 PRO PRO A . n 
A 1 68 VAL 68 152 152 VAL VAL A . n 
A 1 69 THR 69 153 153 THR THR A . n 
A 1 70 VAL 70 154 154 VAL VAL A . n 
A 1 71 THR 71 155 155 THR THR A . n 
A 1 72 SER 72 156 156 SER SER A . n 
A 1 73 SER 73 157 157 SER SER A . n 
A 1 74 LEU 74 158 158 LEU LEU A . n 
A 1 75 SER 75 159 159 SER SER A . n 
A 1 76 PRO 76 160 160 PRO PRO A . n 
A 1 77 GLU 77 161 161 GLU GLU A . n 
A 1 78 GLY 78 162 162 GLY GLY A . n 
A 1 79 LEU 79 163 163 LEU LEU A . n 
A 1 80 LEU 80 164 164 LEU LEU A . n 
A 1 81 ILE 81 165 165 ILE ILE A . n 
A 1 82 ILE 82 166 166 ILE ILE A . n 
A 1 83 GLU 83 167 167 GLU GLU A . n 
A 1 84 ALA 84 168 168 ALA ALA A . n 
# 
loop_
_pdbx_nonpoly_scheme.asym_id 
_pdbx_nonpoly_scheme.entity_id 
_pdbx_nonpoly_scheme.mon_id 
_pdbx_nonpoly_scheme.ndb_seq_num 
_pdbx_nonpoly_scheme.pdb_seq_num 
_pdbx_nonpoly_scheme.auth_seq_num 
_pdbx_nonpoly_scheme.pdb_mon_id 
_pdbx_nonpoly_scheme.auth_mon_id 
_pdbx_nonpoly_scheme.pdb_strand_id 
_pdbx_nonpoly_scheme.pdb_ins_code 
B 2 SO4 1  201 1  SO4 SO4 A . 
C 3 GOL 1  202 1  GOL GOL A . 
D 4 HOH 1  301 12 HOH HOH A . 
D 4 HOH 2  302 8  HOH HOH A . 
D 4 HOH 3  303 1  HOH HOH A . 
D 4 HOH 4  304 11 HOH HOH A . 
D 4 HOH 5  305 10 HOH HOH A . 
D 4 HOH 6  306 7  HOH HOH A . 
D 4 HOH 7  307 6  HOH HOH A . 
D 4 HOH 8  308 2  HOH HOH A . 
D 4 HOH 9  309 4  HOH HOH A . 
D 4 HOH 10 310 5  HOH HOH A . 
D 4 HOH 11 311 13 HOH HOH A . 
D 4 HOH 12 312 3  HOH HOH A . 
D 4 HOH 13 313 9  HOH HOH A . 
# 
loop_
_software.citation_id 
_software.classification 
_software.compiler_name 
_software.compiler_version 
_software.contact_author 
_software.contact_author_email 
_software.date 
_software.description 
_software.dependencies 
_software.hardware 
_software.language 
_software.location 
_software.mods 
_software.name 
_software.os 
_software.os_version 
_software.type 
_software.version 
_software.pdbx_ordinal 
? refinement       ? ? ? ? ? ? ? ? ? ? ? PHENIX ? ? ? '(1.12_2829: ???)' 1 
? 'data reduction' ? ? ? ? ? ? ? ? ? ? ? xia2   ? ? ? .                  2 
? 'data scaling'   ? ? ? ? ? ? ? ? ? ? ? xia2   ? ? ? .                  3 
? phasing          ? ? ? ? ? ? ? ? ? ? ? PHASER ? ? ? .                  4 
# 
_cell.angle_alpha                  90.00 
_cell.angle_alpha_esd              ? 
_cell.angle_beta                   90.00 
_cell.angle_beta_esd               ? 
_cell.angle_gamma                  90.00 
_cell.angle_gamma_esd              ? 
_cell.entry_id                     8S7A 
_cell.details                      ? 
_cell.formula_units_Z              ? 
_cell.length_a                     98.273 
_cell.length_a_esd                 ? 
_cell.length_b                     98.273 
_cell.length_b_esd                 ? 
_cell.length_c                     42.958 
_cell.length_c_esd                 ? 
_cell.volume                       ? 
_cell.volume_esd                   ? 
_cell.Z_PDB                        16 
_cell.reciprocal_angle_alpha       ? 
_cell.reciprocal_angle_beta        ? 
_cell.reciprocal_angle_gamma       ? 
_cell.reciprocal_angle_alpha_esd   ? 
_cell.reciprocal_angle_beta_esd    ? 
_cell.reciprocal_angle_gamma_esd   ? 
_cell.reciprocal_length_a          ? 
_cell.reciprocal_length_b          ? 
_cell.reciprocal_length_c          ? 
_cell.reciprocal_length_a_esd      ? 
_cell.reciprocal_length_b_esd      ? 
_cell.reciprocal_length_c_esd      ? 
_cell.pdbx_unique_axis             ? 
_cell.pdbx_esd_method              ? 
# 
_symmetry.entry_id                         8S7A 
_symmetry.cell_setting                     ? 
_symmetry.Int_Tables_number                98 
_symmetry.space_group_name_Hall            ? 
_symmetry.space_group_name_H-M             'I 41 2 2' 
_symmetry.pdbx_full_space_group_name_H-M   ? 
# 
_exptl.absorpt_coefficient_mu     ? 
_exptl.absorpt_correction_T_max   ? 
_exptl.absorpt_correction_T_min   ? 
_exptl.absorpt_correction_type    ? 
_exptl.absorpt_process_details    ? 
_exptl.entry_id                   8S7A 
_exptl.crystals_number            1 
_exptl.details                    ? 
_exptl.method                     'X-RAY DIFFRACTION' 
_exptl.method_details             ? 
# 
_exptl_crystal.colour                       ? 
_exptl_crystal.density_diffrn               ? 
_exptl_crystal.density_Matthews             2.84 
_exptl_crystal.density_method               ? 
_exptl_crystal.density_percent_sol          56.64 
_exptl_crystal.description                  ? 
_exptl_crystal.F_000                        ? 
_exptl_crystal.id                           1 
_exptl_crystal.preparation                  ? 
_exptl_crystal.size_max                     ? 
_exptl_crystal.size_mid                     ? 
_exptl_crystal.size_min                     ? 
_exptl_crystal.size_rad                     ? 
_exptl_crystal.colour_lustre                ? 
_exptl_crystal.colour_modifier              ? 
_exptl_crystal.colour_primary               ? 
_exptl_crystal.density_meas                 ? 
_exptl_crystal.density_meas_esd             ? 
_exptl_crystal.density_meas_gt              ? 
_exptl_crystal.density_meas_lt              ? 
_exptl_crystal.density_meas_temp            ? 
_exptl_crystal.density_meas_temp_esd        ? 
_exptl_crystal.density_meas_temp_gt         ? 
_exptl_crystal.density_meas_temp_lt         ? 
_exptl_crystal.pdbx_crystal_image_url       ? 
_exptl_crystal.pdbx_crystal_image_format    ? 
_exptl_crystal.pdbx_mosaicity               ? 
_exptl_crystal.pdbx_mosaicity_esd           ? 
_exptl_crystal.pdbx_mosaic_method           ? 
_exptl_crystal.pdbx_mosaic_block_size       ? 
_exptl_crystal.pdbx_mosaic_block_size_esd   ? 
# 
_exptl_crystal_grow.apparatus       ? 
_exptl_crystal_grow.atmosphere      ? 
_exptl_crystal_grow.crystal_id      1 
_exptl_crystal_grow.details         ? 
_exptl_crystal_grow.method          'VAPOR DIFFUSION, SITTING DROP' 
_exptl_crystal_grow.method_ref      ? 
_exptl_crystal_grow.pH              ? 
_exptl_crystal_grow.pressure        ? 
_exptl_crystal_grow.pressure_esd    ? 
_exptl_crystal_grow.seeding         ? 
_exptl_crystal_grow.seeding_ref     ? 
_exptl_crystal_grow.temp_details    ? 
_exptl_crystal_grow.temp_esd        ? 
_exptl_crystal_grow.time            ? 
_exptl_crystal_grow.pdbx_details    
;0.2 M lithium sulfate monohydrate
0.1 M Tris pH 8.5
1.26 M ammonium sulfate
;
_exptl_crystal_grow.pdbx_pH_range   ? 
_exptl_crystal_grow.temp            295 
# 
_diffrn.ambient_environment              ? 
_diffrn.ambient_temp                     100 
_diffrn.ambient_temp_details             ? 
_diffrn.ambient_temp_esd                 ? 
_diffrn.crystal_id                       1 
_diffrn.crystal_support                  ? 
_diffrn.crystal_treatment                ? 
_diffrn.details                          ? 
_diffrn.id                               1 
_diffrn.ambient_pressure                 ? 
_diffrn.ambient_pressure_esd             ? 
_diffrn.ambient_pressure_gt              ? 
_diffrn.ambient_pressure_lt              ? 
_diffrn.ambient_temp_gt                  ? 
_diffrn.ambient_temp_lt                  ? 
_diffrn.pdbx_serial_crystal_experiment   N 
# 
_diffrn_detector.details                      ? 
_diffrn_detector.detector                     PIXEL 
_diffrn_detector.diffrn_id                    1 
_diffrn_detector.type                         'DECTRIS EIGER X 16M' 
_diffrn_detector.area_resol_mean              ? 
_diffrn_detector.dtime                        ? 
_diffrn_detector.pdbx_frames_total            ? 
_diffrn_detector.pdbx_collection_time_total   ? 
_diffrn_detector.pdbx_collection_date         2022-10-18 
_diffrn_detector.pdbx_frequency               ? 
_diffrn_detector.id                           ? 
_diffrn_detector.number_of_axes               ? 
# 
_diffrn_radiation.collimation                      ? 
_diffrn_radiation.diffrn_id                        1 
_diffrn_radiation.filter_edge                      ? 
_diffrn_radiation.inhomogeneity                    ? 
_diffrn_radiation.monochromator                    synchrotron 
_diffrn_radiation.polarisn_norm                    ? 
_diffrn_radiation.polarisn_ratio                   ? 
_diffrn_radiation.probe                            ? 
_diffrn_radiation.type                             ? 
_diffrn_radiation.xray_symbol                      ? 
_diffrn_radiation.wavelength_id                    1 
_diffrn_radiation.pdbx_monochromatic_or_laue_m_l   M 
_diffrn_radiation.pdbx_wavelength_list             ? 
_diffrn_radiation.pdbx_wavelength                  ? 
_diffrn_radiation.pdbx_diffrn_protocol             'SINGLE WAVELENGTH' 
_diffrn_radiation.pdbx_analyzer                    ? 
_diffrn_radiation.pdbx_scattering_type             x-ray 
# 
_diffrn_radiation_wavelength.id           1 
_diffrn_radiation_wavelength.wavelength   0.9795 
_diffrn_radiation_wavelength.wt           1.0 
# 
_diffrn_source.current                     ? 
_diffrn_source.details                     ? 
_diffrn_source.diffrn_id                   1 
_diffrn_source.power                       ? 
_diffrn_source.size                        ? 
_diffrn_source.source                      SYNCHROTRON 
_diffrn_source.target                      ? 
_diffrn_source.type                        'DIAMOND BEAMLINE I04' 
_diffrn_source.voltage                     ? 
_diffrn_source.take-off_angle              ? 
_diffrn_source.pdbx_wavelength_list        0.9795 
_diffrn_source.pdbx_wavelength             ? 
_diffrn_source.pdbx_synchrotron_beamline   I04 
_diffrn_source.pdbx_synchrotron_site       Diamond 
# 
_reflns.B_iso_Wilson_estimate                          ? 
_reflns.entry_id                                       8S7A 
_reflns.data_reduction_details                         ? 
_reflns.data_reduction_method                          ? 
_reflns.d_resolution_high                              1.95 
_reflns.d_resolution_low                               34.745 
_reflns.details                                        ? 
_reflns.limit_h_max                                    ? 
_reflns.limit_h_min                                    ? 
_reflns.limit_k_max                                    ? 
_reflns.limit_k_min                                    ? 
_reflns.limit_l_max                                    ? 
_reflns.limit_l_min                                    ? 
_reflns.number_all                                     ? 
_reflns.number_obs                                     7957 
_reflns.observed_criterion                             ? 
_reflns.observed_criterion_F_max                       ? 
_reflns.observed_criterion_F_min                       ? 
_reflns.observed_criterion_I_max                       ? 
_reflns.observed_criterion_I_min                       ? 
_reflns.observed_criterion_sigma_F                     ? 
_reflns.observed_criterion_sigma_I                     ? 
_reflns.percent_possible_obs                           100 
_reflns.R_free_details                                 ? 
_reflns.Rmerge_F_all                                   ? 
_reflns.Rmerge_F_obs                                   ? 
_reflns.Friedel_coverage                               ? 
_reflns.number_gt                                      ? 
_reflns.threshold_expression                           ? 
_reflns.pdbx_redundancy                                13.1 
_reflns.pdbx_netI_over_av_sigmaI                       ? 
_reflns.pdbx_netI_over_sigmaI                          19.6 
_reflns.pdbx_res_netI_over_av_sigmaI_2                 ? 
_reflns.pdbx_res_netI_over_sigmaI_2                    ? 
_reflns.pdbx_chi_squared                               ? 
_reflns.pdbx_scaling_rejects                           ? 
_reflns.pdbx_d_res_high_opt                            ? 
_reflns.pdbx_d_res_low_opt                             ? 
_reflns.pdbx_d_res_opt_method                          ? 
_reflns.phase_calculation_details                      ? 
_reflns.pdbx_Rrim_I_all                                ? 
_reflns.pdbx_Rpim_I_all                                ? 
_reflns.pdbx_d_opt                                     ? 
_reflns.pdbx_number_measured_all                       ? 
_reflns.pdbx_diffrn_id                                 1 
_reflns.pdbx_ordinal                                   1 
_reflns.pdbx_CC_half                                   1 
_reflns.pdbx_CC_star                                   ? 
_reflns.pdbx_R_split                                   ? 
_reflns.pdbx_Rmerge_I_obs                              0.054 
_reflns.pdbx_Rmerge_I_all                              ? 
_reflns.pdbx_Rsym_value                                ? 
_reflns.pdbx_CC_split_method                           ? 
_reflns.pdbx_aniso_diffraction_limit_axis_1_ortho[1]   ? 
_reflns.pdbx_aniso_diffraction_limit_axis_1_ortho[2]   ? 
_reflns.pdbx_aniso_diffraction_limit_axis_1_ortho[3]   ? 
_reflns.pdbx_aniso_diffraction_limit_axis_2_ortho[1]   ? 
_reflns.pdbx_aniso_diffraction_limit_axis_2_ortho[2]   ? 
_reflns.pdbx_aniso_diffraction_limit_axis_2_ortho[3]   ? 
_reflns.pdbx_aniso_diffraction_limit_axis_3_ortho[1]   ? 
_reflns.pdbx_aniso_diffraction_limit_axis_3_ortho[2]   ? 
_reflns.pdbx_aniso_diffraction_limit_axis_3_ortho[3]   ? 
_reflns.pdbx_aniso_diffraction_limit_1                 ? 
_reflns.pdbx_aniso_diffraction_limit_2                 ? 
_reflns.pdbx_aniso_diffraction_limit_3                 ? 
_reflns.pdbx_aniso_B_tensor_eigenvector_1_ortho[1]     ? 
_reflns.pdbx_aniso_B_tensor_eigenvector_1_ortho[2]     ? 
_reflns.pdbx_aniso_B_tensor_eigenvector_1_ortho[3]     ? 
_reflns.pdbx_aniso_B_tensor_eigenvector_2_ortho[1]     ? 
_reflns.pdbx_aniso_B_tensor_eigenvector_2_ortho[2]     ? 
_reflns.pdbx_aniso_B_tensor_eigenvector_2_ortho[3]     ? 
_reflns.pdbx_aniso_B_tensor_eigenvector_3_ortho[1]     ? 
_reflns.pdbx_aniso_B_tensor_eigenvector_3_ortho[2]     ? 
_reflns.pdbx_aniso_B_tensor_eigenvector_3_ortho[3]     ? 
_reflns.pdbx_aniso_B_tensor_eigenvalue_1               ? 
_reflns.pdbx_aniso_B_tensor_eigenvalue_2               ? 
_reflns.pdbx_aniso_B_tensor_eigenvalue_3               ? 
_reflns.pdbx_orthogonalization_convention              ? 
_reflns.pdbx_percent_possible_ellipsoidal              ? 
_reflns.pdbx_percent_possible_spherical                ? 
_reflns.pdbx_percent_possible_ellipsoidal_anomalous    ? 
_reflns.pdbx_percent_possible_spherical_anomalous      ? 
_reflns.pdbx_redundancy_anomalous                      ? 
_reflns.pdbx_CC_half_anomalous                         ? 
_reflns.pdbx_absDiff_over_sigma_anomalous              ? 
_reflns.pdbx_percent_possible_anomalous                ? 
_reflns.pdbx_observed_signal_threshold                 ? 
_reflns.pdbx_signal_type                               ? 
_reflns.pdbx_signal_details                            ? 
_reflns.pdbx_signal_software_id                        ? 
# 
_reflns_shell.d_res_high                                    1.95 
_reflns_shell.d_res_low                                     5.29 
_reflns_shell.meanI_over_sigI_all                           ? 
_reflns_shell.meanI_over_sigI_obs                           0.3 
_reflns_shell.number_measured_all                           ? 
_reflns_shell.number_measured_obs                           ? 
_reflns_shell.number_possible                               ? 
_reflns_shell.number_unique_all                             ? 
_reflns_shell.number_unique_obs                             389 
_reflns_shell.percent_possible_obs                          ? 
_reflns_shell.Rmerge_F_all                                  ? 
_reflns_shell.Rmerge_F_obs                                  ? 
_reflns_shell.meanI_over_sigI_gt                            ? 
_reflns_shell.meanI_over_uI_all                             ? 
_reflns_shell.meanI_over_uI_gt                              ? 
_reflns_shell.number_measured_gt                            ? 
_reflns_shell.number_unique_gt                              ? 
_reflns_shell.percent_possible_gt                           ? 
_reflns_shell.Rmerge_F_gt                                   ? 
_reflns_shell.Rmerge_I_gt                                   ? 
_reflns_shell.pdbx_redundancy                               13.6 
_reflns_shell.pdbx_chi_squared                              ? 
_reflns_shell.pdbx_netI_over_sigmaI_all                     ? 
_reflns_shell.pdbx_netI_over_sigmaI_obs                     ? 
_reflns_shell.pdbx_Rrim_I_all                               ? 
_reflns_shell.pdbx_Rpim_I_all                               ? 
_reflns_shell.pdbx_rejects                                  ? 
_reflns_shell.pdbx_ordinal                                  1 
_reflns_shell.pdbx_diffrn_id                                1 
_reflns_shell.pdbx_CC_half                                  0.285 
_reflns_shell.pdbx_CC_star                                  ? 
_reflns_shell.pdbx_R_split                                  ? 
_reflns_shell.percent_possible_all                          100 
_reflns_shell.Rmerge_I_all                                  ? 
_reflns_shell.Rmerge_I_obs                                  4.188 
_reflns_shell.pdbx_Rsym_value                               ? 
_reflns_shell.pdbx_percent_possible_ellipsoidal             ? 
_reflns_shell.pdbx_percent_possible_spherical               ? 
_reflns_shell.pdbx_percent_possible_ellipsoidal_anomalous   ? 
_reflns_shell.pdbx_percent_possible_spherical_anomalous     ? 
_reflns_shell.pdbx_redundancy_anomalous                     ? 
_reflns_shell.pdbx_CC_half_anomalous                        ? 
_reflns_shell.pdbx_absDiff_over_sigma_anomalous             ? 
_reflns_shell.pdbx_percent_possible_anomalous               ? 
# 
_refine.aniso_B[1][1]                            ? 
_refine.aniso_B[1][2]                            ? 
_refine.aniso_B[1][3]                            ? 
_refine.aniso_B[2][2]                            ? 
_refine.aniso_B[2][3]                            ? 
_refine.aniso_B[3][3]                            ? 
_refine.B_iso_max                                ? 
_refine.B_iso_mean                               ? 
_refine.B_iso_min                                ? 
_refine.correlation_coeff_Fo_to_Fc               ? 
_refine.correlation_coeff_Fo_to_Fc_free          ? 
_refine.details                                  ? 
_refine.diff_density_max                         ? 
_refine.diff_density_max_esd                     ? 
_refine.diff_density_min                         ? 
_refine.diff_density_min_esd                     ? 
_refine.diff_density_rms                         ? 
_refine.diff_density_rms_esd                     ? 
_refine.entry_id                                 8S7A 
_refine.pdbx_refine_id                           'X-RAY DIFFRACTION' 
_refine.ls_abs_structure_details                 ? 
_refine.ls_abs_structure_Flack                   ? 
_refine.ls_abs_structure_Flack_esd               ? 
_refine.ls_abs_structure_Rogers                  ? 
_refine.ls_abs_structure_Rogers_esd              ? 
_refine.ls_d_res_high                            1.951 
_refine.ls_d_res_low                             34.745 
_refine.ls_extinction_coef                       ? 
_refine.ls_extinction_coef_esd                   ? 
_refine.ls_extinction_expression                 ? 
_refine.ls_extinction_method                     ? 
_refine.ls_goodness_of_fit_all                   ? 
_refine.ls_goodness_of_fit_all_esd               ? 
_refine.ls_goodness_of_fit_obs                   ? 
_refine.ls_goodness_of_fit_obs_esd               ? 
_refine.ls_hydrogen_treatment                    ? 
_refine.ls_matrix_type                           ? 
_refine.ls_number_constraints                    ? 
_refine.ls_number_parameters                     ? 
_refine.ls_number_reflns_all                     ? 
_refine.ls_number_reflns_obs                     7925 
_refine.ls_number_reflns_R_free                  371 
_refine.ls_number_reflns_R_work                  ? 
_refine.ls_number_restraints                     ? 
_refine.ls_percent_reflns_obs                    99.67 
_refine.ls_percent_reflns_R_free                 4.68 
_refine.ls_R_factor_all                          ? 
_refine.ls_R_factor_obs                          0.2301 
_refine.ls_R_factor_R_free                       0.2658 
_refine.ls_R_factor_R_free_error                 ? 
_refine.ls_R_factor_R_free_error_details         ? 
_refine.ls_R_factor_R_work                       0.2284 
_refine.ls_R_Fsqd_factor_obs                     ? 
_refine.ls_R_I_factor_obs                        ? 
_refine.ls_redundancy_reflns_all                 ? 
_refine.ls_redundancy_reflns_obs                 ? 
_refine.ls_restrained_S_all                      ? 
_refine.ls_restrained_S_obs                      ? 
_refine.ls_shift_over_esd_max                    ? 
_refine.ls_shift_over_esd_mean                   ? 
_refine.ls_structure_factor_coef                 ? 
_refine.ls_weighting_details                     ? 
_refine.ls_weighting_scheme                      ? 
_refine.ls_wR_factor_all                         ? 
_refine.ls_wR_factor_obs                         ? 
_refine.ls_wR_factor_R_free                      ? 
_refine.ls_wR_factor_R_work                      ? 
_refine.occupancy_max                            ? 
_refine.occupancy_min                            ? 
_refine.solvent_model_details                    'FLAT BULK SOLVENT MODEL' 
_refine.solvent_model_param_bsol                 ? 
_refine.solvent_model_param_ksol                 ? 
_refine.pdbx_R_complete                          ? 
_refine.ls_R_factor_gt                           ? 
_refine.ls_goodness_of_fit_gt                    ? 
_refine.ls_goodness_of_fit_ref                   ? 
_refine.ls_shift_over_su_max                     ? 
_refine.ls_shift_over_su_max_lt                  ? 
_refine.ls_shift_over_su_mean                    ? 
_refine.ls_shift_over_su_mean_lt                 ? 
_refine.pdbx_ls_sigma_I                          ? 
_refine.pdbx_ls_sigma_F                          1.34 
_refine.pdbx_ls_sigma_Fsqd                       ? 
_refine.pdbx_data_cutoff_high_absF               ? 
_refine.pdbx_data_cutoff_high_rms_absF           ? 
_refine.pdbx_data_cutoff_low_absF                ? 
_refine.pdbx_isotropic_thermal_model             ? 
_refine.pdbx_ls_cross_valid_method               'FREE R-VALUE' 
_refine.pdbx_method_to_determine_struct          'MOLECULAR REPLACEMENT' 
_refine.pdbx_starting_model                      ? 
_refine.pdbx_stereochemistry_target_values       ML 
_refine.pdbx_R_Free_selection_details            ? 
_refine.pdbx_stereochem_target_val_spec_case     ? 
_refine.pdbx_overall_ESU_R                       ? 
_refine.pdbx_overall_ESU_R_Free                  ? 
_refine.pdbx_solvent_vdw_probe_radii             1.11 
_refine.pdbx_solvent_ion_probe_radii             ? 
_refine.pdbx_solvent_shrinkage_radii             0.90 
_refine.pdbx_real_space_R                        ? 
_refine.pdbx_density_correlation                 ? 
_refine.pdbx_pd_number_of_powder_patterns        ? 
_refine.pdbx_pd_number_of_points                 ? 
_refine.pdbx_pd_meas_number_of_points            ? 
_refine.pdbx_pd_proc_ls_prof_R_factor            ? 
_refine.pdbx_pd_proc_ls_prof_wR_factor           ? 
_refine.pdbx_pd_Marquardt_correlation_coeff      ? 
_refine.pdbx_pd_Fsqrd_R_factor                   ? 
_refine.pdbx_pd_ls_matrix_band_width             ? 
_refine.pdbx_overall_phase_error                 44.38 
_refine.pdbx_overall_SU_R_free_Cruickshank_DPI   ? 
_refine.pdbx_overall_SU_R_free_Blow_DPI          ? 
_refine.pdbx_overall_SU_R_Blow_DPI               ? 
_refine.pdbx_TLS_residual_ADP_flag               ? 
_refine.pdbx_diffrn_id                           1 
_refine.overall_SU_B                             ? 
_refine.overall_SU_ML                            0.26 
_refine.overall_SU_R_Cruickshank_DPI             ? 
_refine.overall_SU_R_free                        ? 
_refine.overall_FOM_free_R_set                   ? 
_refine.overall_FOM_work_R_set                   ? 
_refine.pdbx_average_fsc_overall                 ? 
_refine.pdbx_average_fsc_work                    ? 
_refine.pdbx_average_fsc_free                    ? 
# 
_refine_hist.pdbx_refine_id                   'X-RAY DIFFRACTION' 
_refine_hist.cycle_id                         LAST 
_refine_hist.pdbx_number_atoms_protein        575 
_refine_hist.pdbx_number_atoms_nucleic_acid   0 
_refine_hist.pdbx_number_atoms_ligand         11 
_refine_hist.number_atoms_solvent             13 
_refine_hist.number_atoms_total               599 
_refine_hist.d_res_high                       1.951 
_refine_hist.d_res_low                        34.745 
# 
loop_
_refine_ls_restr.pdbx_refine_id 
_refine_ls_restr.criterion 
_refine_ls_restr.dev_ideal 
_refine_ls_restr.dev_ideal_target 
_refine_ls_restr.number 
_refine_ls_restr.rejects 
_refine_ls_restr.type 
_refine_ls_restr.weight 
_refine_ls_restr.pdbx_restraint_function 
'X-RAY DIFFRACTION' ? 0.004 ? 623 ? f_bond_d           ? ? 
'X-RAY DIFFRACTION' ? 0.707 ? 842 ? f_angle_d          ? ? 
'X-RAY DIFFRACTION' ? 2.215 ? 523 ? f_dihedral_angle_d ? ? 
'X-RAY DIFFRACTION' ? 0.047 ? 95  ? f_chiral_restr     ? ? 
'X-RAY DIFFRACTION' ? 0.004 ? 107 ? f_plane_restr      ? ? 
# 
loop_
_refine_ls_shell.pdbx_refine_id 
_refine_ls_shell.d_res_high 
_refine_ls_shell.d_res_low 
_refine_ls_shell.number_reflns_all 
_refine_ls_shell.number_reflns_obs 
_refine_ls_shell.number_reflns_R_free 
_refine_ls_shell.number_reflns_R_work 
_refine_ls_shell.percent_reflns_obs 
_refine_ls_shell.percent_reflns_R_free 
_refine_ls_shell.R_factor_all 
_refine_ls_shell.R_factor_obs 
_refine_ls_shell.R_factor_R_free_error 
_refine_ls_shell.R_factor_R_work 
_refine_ls_shell.redundancy_reflns_all 
_refine_ls_shell.redundancy_reflns_obs 
_refine_ls_shell.wR_factor_all 
_refine_ls_shell.wR_factor_obs 
_refine_ls_shell.wR_factor_R_free 
_refine_ls_shell.wR_factor_R_work 
_refine_ls_shell.pdbx_R_complete 
_refine_ls_shell.pdbx_total_number_of_bins_used 
_refine_ls_shell.pdbx_phase_error 
_refine_ls_shell.pdbx_fsc_work 
_refine_ls_shell.pdbx_fsc_free 
_refine_ls_shell.R_factor_R_free 
'X-RAY DIFFRACTION' 1.951  2.2327 . . 110 2465 99.00  . . . . 0.3799 . . . . . . . . . . . 0.3819 
'X-RAY DIFFRACTION' 2.2327 2.8128 . . 131 2478 100.00 . . . . 0.3340 . . . . . . . . . . . 0.3383 
'X-RAY DIFFRACTION' 2.8128 34.745 . . 130 2611 100.00 . . . . 0.1992 . . . . . . . . . . . 0.2419 
# 
_struct.entry_id                     8S7A 
_struct.title                        HSPB8acd-C99S/F155T/A156S 
_struct.pdbx_model_details           ? 
_struct.pdbx_formula_weight          ? 
_struct.pdbx_formula_weight_method   ? 
_struct.pdbx_model_type_details      ? 
_struct.pdbx_CASP_flag               N 
# 
_struct_keywords.entry_id        8S7A 
_struct_keywords.text            'apo, chaperone' 
_struct_keywords.pdbx_keywords   CHAPERONE 
# 
loop_
_struct_asym.id 
_struct_asym.pdbx_blank_PDB_chainid_flag 
_struct_asym.pdbx_modified 
_struct_asym.entity_id 
_struct_asym.details 
A N N 1 ? 
B N N 2 ? 
C N N 3 ? 
D N N 4 ? 
# 
_struct_ref.id                         1 
_struct_ref.db_name                    UNP 
_struct_ref.db_code                    HSPB8_HUMAN 
_struct_ref.pdbx_db_accession          Q9UJY1 
_struct_ref.pdbx_db_isoform            ? 
_struct_ref.entity_id                  1 
_struct_ref.pdbx_seq_one_letter_code   
;TPPPFPGEPWKVCVNVHSFKPEELMVKTKDGYVEVSGKHEEKQQEGGIVSKNFTKKIQLPAEVDPVTVFASLSPEGLLII
EA
;
_struct_ref.pdbx_align_begin           87 
# 
_struct_ref_seq.align_id                      1 
_struct_ref_seq.ref_id                        1 
_struct_ref_seq.pdbx_PDB_id_code              8S7A 
_struct_ref_seq.pdbx_strand_id                A 
_struct_ref_seq.seq_align_beg                 3 
_struct_ref_seq.pdbx_seq_align_beg_ins_code   ? 
_struct_ref_seq.seq_align_end                 84 
_struct_ref_seq.pdbx_seq_align_end_ins_code   ? 
_struct_ref_seq.pdbx_db_accession             Q9UJY1 
_struct_ref_seq.db_align_beg                  87 
_struct_ref_seq.pdbx_db_align_beg_ins_code    ? 
_struct_ref_seq.db_align_end                  168 
_struct_ref_seq.pdbx_db_align_end_ins_code    ? 
_struct_ref_seq.pdbx_auth_seq_align_beg       87 
_struct_ref_seq.pdbx_auth_seq_align_end       168 
# 
loop_
_struct_ref_seq_dif.align_id 
_struct_ref_seq_dif.pdbx_pdb_id_code 
_struct_ref_seq_dif.mon_id 
_struct_ref_seq_dif.pdbx_pdb_strand_id 
_struct_ref_seq_dif.seq_num 
_struct_ref_seq_dif.pdbx_pdb_ins_code 
_struct_ref_seq_dif.pdbx_seq_db_name 
_struct_ref_seq_dif.pdbx_seq_db_accession_code 
_struct_ref_seq_dif.db_mon_id 
_struct_ref_seq_dif.pdbx_seq_db_seq_num 
_struct_ref_seq_dif.details 
_struct_ref_seq_dif.pdbx_auth_seq_num 
_struct_ref_seq_dif.pdbx_ordinal 
1 8S7A GLY A 1  ? UNP Q9UJY1 ?   ?   'expression tag'      85  1 
1 8S7A SER A 2  ? UNP Q9UJY1 ?   ?   'expression tag'      86  2 
1 8S7A SER A 15 ? UNP Q9UJY1 CYS 99  'engineered mutation' 99  3 
1 8S7A THR A 71 ? UNP Q9UJY1 PHE 155 'engineered mutation' 155 4 
1 8S7A SER A 72 ? UNP Q9UJY1 ALA 156 'engineered mutation' 156 5 
# 
_pdbx_struct_assembly.id                   1 
_pdbx_struct_assembly.details              author_defined_assembly 
_pdbx_struct_assembly.method_details       ? 
_pdbx_struct_assembly.oligomeric_details   dimeric 
_pdbx_struct_assembly.oligomeric_count     2 
# 
loop_
_pdbx_struct_assembly_prop.biol_id 
_pdbx_struct_assembly_prop.type 
_pdbx_struct_assembly_prop.value 
_pdbx_struct_assembly_prop.details 
1 'ABSA (A^2)' 2420 ? 
1 MORE         -49  ? 
1 'SSA (A^2)'  9330 ? 
# 
_pdbx_struct_assembly_gen.assembly_id       1 
_pdbx_struct_assembly_gen.oper_expression   1,2 
_pdbx_struct_assembly_gen.asym_id_list      A,B,C,D 
# 
_pdbx_struct_assembly_auth_evidence.id                     1 
_pdbx_struct_assembly_auth_evidence.assembly_id            1 
_pdbx_struct_assembly_auth_evidence.experimental_support   'mass spectrometry' 
_pdbx_struct_assembly_auth_evidence.details                'monomeric in solution' 
# 
loop_
_pdbx_struct_oper_list.id 
_pdbx_struct_oper_list.type 
_pdbx_struct_oper_list.name 
_pdbx_struct_oper_list.symmetry_operation 
_pdbx_struct_oper_list.matrix[1][1] 
_pdbx_struct_oper_list.matrix[1][2] 
_pdbx_struct_oper_list.matrix[1][3] 
_pdbx_struct_oper_list.vector[1] 
_pdbx_struct_oper_list.matrix[2][1] 
_pdbx_struct_oper_list.matrix[2][2] 
_pdbx_struct_oper_list.matrix[2][3] 
_pdbx_struct_oper_list.vector[2] 
_pdbx_struct_oper_list.matrix[3][1] 
_pdbx_struct_oper_list.matrix[3][2] 
_pdbx_struct_oper_list.matrix[3][3] 
_pdbx_struct_oper_list.vector[3] 
1 'identity operation'         1_555  x,y,z  1.0000000000  0.0000000000 0.0000000000  0.0000000000  0.0000000000 1.0000000000  0.0000000000  0.0000000000  0.0000000000  0.0000000000  1.0000000000 0.0000000000 
2 'crystal symmetry operation' 15_555 y,x,-z -0.8688343298 0.1357730411 -0.4761224514 -9.7919602939 0.1357730411 -0.8594577480 -0.4928468939 15.3558476454 -0.4761224514 -0.4928468939 0.7282920777 1.6813764945 
# 
_struct_conf.conf_type_id            HELX_P 
_struct_conf.id                      HELX_P1 
_struct_conf.pdbx_PDB_helix_id       AA1 
_struct_conf.beg_label_comp_id       LYS 
_struct_conf.beg_label_asym_id       A 
_struct_conf.beg_label_seq_id        22 
_struct_conf.pdbx_beg_PDB_ins_code   ? 
_struct_conf.end_label_comp_id       GLU 
_struct_conf.end_label_asym_id       A 
_struct_conf.end_label_seq_id        24 
_struct_conf.pdbx_end_PDB_ins_code   ? 
_struct_conf.beg_auth_comp_id        LYS 
_struct_conf.beg_auth_asym_id        A 
_struct_conf.beg_auth_seq_id         106 
_struct_conf.end_auth_comp_id        GLU 
_struct_conf.end_auth_asym_id        A 
_struct_conf.end_auth_seq_id         108 
_struct_conf.pdbx_PDB_helix_class    5 
_struct_conf.details                 ? 
_struct_conf.pdbx_PDB_helix_length   3 
# 
_struct_conf_type.id          HELX_P 
_struct_conf_type.criteria    ? 
_struct_conf_type.reference   ? 
# 
loop_
_struct_sheet.id 
_struct_sheet.type 
_struct_sheet.number_strands 
_struct_sheet.details 
AA1 ? 3 ? 
AA2 ? 3 ? 
# 
loop_
_struct_sheet_order.sheet_id 
_struct_sheet_order.range_id_1 
_struct_sheet_order.range_id_2 
_struct_sheet_order.offset 
_struct_sheet_order.sense 
AA1 1 2 ? anti-parallel 
AA1 2 3 ? anti-parallel 
AA2 1 2 ? anti-parallel 
AA2 2 3 ? anti-parallel 
# 
loop_
_struct_sheet_range.sheet_id 
_struct_sheet_range.id 
_struct_sheet_range.beg_label_comp_id 
_struct_sheet_range.beg_label_asym_id 
_struct_sheet_range.beg_label_seq_id 
_struct_sheet_range.pdbx_beg_PDB_ins_code 
_struct_sheet_range.end_label_comp_id 
_struct_sheet_range.end_label_asym_id 
_struct_sheet_range.end_label_seq_id 
_struct_sheet_range.pdbx_end_PDB_ins_code 
_struct_sheet_range.beg_auth_comp_id 
_struct_sheet_range.beg_auth_asym_id 
_struct_sheet_range.beg_auth_seq_id 
_struct_sheet_range.end_auth_comp_id 
_struct_sheet_range.end_auth_asym_id 
_struct_sheet_range.end_auth_seq_id 
AA1 1 LYS A 13 ? VAL A 16 ? LYS A 97  VAL A 100 
AA1 2 LEU A 80 ? GLU A 83 ? LEU A 164 GLU A 167 
AA1 3 THR A 71 ? LEU A 74 ? THR A 155 LEU A 158 
AA2 1 LEU A 26 ? LYS A 31 ? LEU A 110 LYS A 115 
AA2 2 TYR A 34 ? GLU A 42 ? TYR A 118 GLU A 126 
AA2 3 SER A 52 ? GLN A 60 ? SER A 136 GLN A 144 
# 
loop_
_pdbx_struct_sheet_hbond.sheet_id 
_pdbx_struct_sheet_hbond.range_id_1 
_pdbx_struct_sheet_hbond.range_id_2 
_pdbx_struct_sheet_hbond.range_1_label_atom_id 
_pdbx_struct_sheet_hbond.range_1_label_comp_id 
_pdbx_struct_sheet_hbond.range_1_label_asym_id 
_pdbx_struct_sheet_hbond.range_1_label_seq_id 
_pdbx_struct_sheet_hbond.range_1_PDB_ins_code 
_pdbx_struct_sheet_hbond.range_1_auth_atom_id 
_pdbx_struct_sheet_hbond.range_1_auth_comp_id 
_pdbx_struct_sheet_hbond.range_1_auth_asym_id 
_pdbx_struct_sheet_hbond.range_1_auth_seq_id 
_pdbx_struct_sheet_hbond.range_2_label_atom_id 
_pdbx_struct_sheet_hbond.range_2_label_comp_id 
_pdbx_struct_sheet_hbond.range_2_label_asym_id 
_pdbx_struct_sheet_hbond.range_2_label_seq_id 
_pdbx_struct_sheet_hbond.range_2_PDB_ins_code 
_pdbx_struct_sheet_hbond.range_2_auth_atom_id 
_pdbx_struct_sheet_hbond.range_2_auth_comp_id 
_pdbx_struct_sheet_hbond.range_2_auth_asym_id 
_pdbx_struct_sheet_hbond.range_2_auth_seq_id 
AA1 1 2 N VAL A 14 ? N VAL A 98  O ILE A 82 ? O ILE A 166 
AA1 2 3 O ILE A 81 ? O ILE A 165 N SER A 73 ? N SER A 157 
AA2 1 2 N LYS A 29 ? N LYS A 113 O GLU A 36 ? O GLU A 120 
AA2 2 3 N VAL A 35 ? N VAL A 119 O ILE A 59 ? O ILE A 143 
# 
_pdbx_entry_details.entry_id                   8S7A 
_pdbx_entry_details.has_ligand_of_interest     N 
_pdbx_entry_details.compound_details           ? 
_pdbx_entry_details.source_details             ? 
_pdbx_entry_details.nonpolymer_details         ? 
_pdbx_entry_details.sequence_details           ? 
_pdbx_entry_details.has_protein_modification   N 
# 
loop_
_pdbx_validate_torsion.id 
_pdbx_validate_torsion.PDB_model_num 
_pdbx_validate_torsion.auth_comp_id 
_pdbx_validate_torsion.auth_asym_id 
_pdbx_validate_torsion.auth_seq_id 
_pdbx_validate_torsion.PDB_ins_code 
_pdbx_validate_torsion.label_alt_id 
_pdbx_validate_torsion.phi 
_pdbx_validate_torsion.psi 
1 1 HIS A 103 ? ? 63.36  -126.05 
2 1 LYS A 128 ? ? -87.22 -76.01  
3 1 GLN A 129 ? B 100.06 113.90  
4 1 GLN A 130 ? B -65.99 87.03   
5 1 VAL A 152 ? ? 34.70  43.10   
# 
loop_
_pdbx_unobs_or_zero_occ_residues.id 
_pdbx_unobs_or_zero_occ_residues.PDB_model_num 
_pdbx_unobs_or_zero_occ_residues.polymer_flag 
_pdbx_unobs_or_zero_occ_residues.occupancy_flag 
_pdbx_unobs_or_zero_occ_residues.auth_asym_id 
_pdbx_unobs_or_zero_occ_residues.auth_comp_id 
_pdbx_unobs_or_zero_occ_residues.auth_seq_id 
_pdbx_unobs_or_zero_occ_residues.PDB_ins_code 
_pdbx_unobs_or_zero_occ_residues.label_asym_id 
_pdbx_unobs_or_zero_occ_residues.label_comp_id 
_pdbx_unobs_or_zero_occ_residues.label_seq_id 
1  1 Y 1 A GLY 85 ? A GLY 1  
2  1 Y 1 A SER 86 ? A SER 2  
3  1 Y 1 A THR 87 ? A THR 3  
4  1 Y 1 A PRO 88 ? A PRO 4  
5  1 Y 1 A PRO 89 ? A PRO 5  
6  1 Y 1 A PRO 90 ? A PRO 6  
7  1 Y 1 A PHE 91 ? A PHE 7  
8  1 Y 1 A PRO 92 ? A PRO 8  
9  1 Y 1 A GLY 93 ? A GLY 9  
10 1 Y 1 A GLU 94 ? A GLU 10 
# 
loop_
_chem_comp_atom.comp_id 
_chem_comp_atom.atom_id 
_chem_comp_atom.type_symbol 
_chem_comp_atom.pdbx_aromatic_flag 
_chem_comp_atom.pdbx_stereo_config 
_chem_comp_atom.pdbx_ordinal 
ALA N    N N N 1   
ALA CA   C N S 2   
ALA C    C N N 3   
ALA O    O N N 4   
ALA CB   C N N 5   
ALA OXT  O N N 6   
ALA H    H N N 7   
ALA H2   H N N 8   
ALA HA   H N N 9   
ALA HB1  H N N 10  
ALA HB2  H N N 11  
ALA HB3  H N N 12  
ALA HXT  H N N 13  
ASN N    N N N 14  
ASN CA   C N S 15  
ASN C    C N N 16  
ASN O    O N N 17  
ASN CB   C N N 18  
ASN CG   C N N 19  
ASN OD1  O N N 20  
ASN ND2  N N N 21  
ASN OXT  O N N 22  
ASN H    H N N 23  
ASN H2   H N N 24  
ASN HA   H N N 25  
ASN HB2  H N N 26  
ASN HB3  H N N 27  
ASN HD21 H N N 28  
ASN HD22 H N N 29  
ASN HXT  H N N 30  
ASP N    N N N 31  
ASP CA   C N S 32  
ASP C    C N N 33  
ASP O    O N N 34  
ASP CB   C N N 35  
ASP CG   C N N 36  
ASP OD1  O N N 37  
ASP OD2  O N N 38  
ASP OXT  O N N 39  
ASP H    H N N 40  
ASP H2   H N N 41  
ASP HA   H N N 42  
ASP HB2  H N N 43  
ASP HB3  H N N 44  
ASP HD2  H N N 45  
ASP HXT  H N N 46  
CYS N    N N N 47  
CYS CA   C N R 48  
CYS C    C N N 49  
CYS O    O N N 50  
CYS CB   C N N 51  
CYS SG   S N N 52  
CYS OXT  O N N 53  
CYS H    H N N 54  
CYS H2   H N N 55  
CYS HA   H N N 56  
CYS HB2  H N N 57  
CYS HB3  H N N 58  
CYS HG   H N N 59  
CYS HXT  H N N 60  
GLN N    N N N 61  
GLN CA   C N S 62  
GLN C    C N N 63  
GLN O    O N N 64  
GLN CB   C N N 65  
GLN CG   C N N 66  
GLN CD   C N N 67  
GLN OE1  O N N 68  
GLN NE2  N N N 69  
GLN OXT  O N N 70  
GLN H    H N N 71  
GLN H2   H N N 72  
GLN HA   H N N 73  
GLN HB2  H N N 74  
GLN HB3  H N N 75  
GLN HG2  H N N 76  
GLN HG3  H N N 77  
GLN HE21 H N N 78  
GLN HE22 H N N 79  
GLN HXT  H N N 80  
GLU N    N N N 81  
GLU CA   C N S 82  
GLU C    C N N 83  
GLU O    O N N 84  
GLU CB   C N N 85  
GLU CG   C N N 86  
GLU CD   C N N 87  
GLU OE1  O N N 88  
GLU OE2  O N N 89  
GLU OXT  O N N 90  
GLU H    H N N 91  
GLU H2   H N N 92  
GLU HA   H N N 93  
GLU HB2  H N N 94  
GLU HB3  H N N 95  
GLU HG2  H N N 96  
GLU HG3  H N N 97  
GLU HE2  H N N 98  
GLU HXT  H N N 99  
GLY N    N N N 100 
GLY CA   C N N 101 
GLY C    C N N 102 
GLY O    O N N 103 
GLY OXT  O N N 104 
GLY H    H N N 105 
GLY H2   H N N 106 
GLY HA2  H N N 107 
GLY HA3  H N N 108 
GLY HXT  H N N 109 
GOL C1   C N N 110 
GOL O1   O N N 111 
GOL C2   C N N 112 
GOL O2   O N N 113 
GOL C3   C N N 114 
GOL O3   O N N 115 
GOL H11  H N N 116 
GOL H12  H N N 117 
GOL HO1  H N N 118 
GOL H2   H N N 119 
GOL HO2  H N N 120 
GOL H31  H N N 121 
GOL H32  H N N 122 
GOL HO3  H N N 123 
HIS N    N N N 124 
HIS CA   C N S 125 
HIS C    C N N 126 
HIS O    O N N 127 
HIS CB   C N N 128 
HIS CG   C Y N 129 
HIS ND1  N Y N 130 
HIS CD2  C Y N 131 
HIS CE1  C Y N 132 
HIS NE2  N Y N 133 
HIS OXT  O N N 134 
HIS H    H N N 135 
HIS H2   H N N 136 
HIS HA   H N N 137 
HIS HB2  H N N 138 
HIS HB3  H N N 139 
HIS HD1  H N N 140 
HIS HD2  H N N 141 
HIS HE1  H N N 142 
HIS HE2  H N N 143 
HIS HXT  H N N 144 
HOH O    O N N 145 
HOH H1   H N N 146 
HOH H2   H N N 147 
ILE N    N N N 148 
ILE CA   C N S 149 
ILE C    C N N 150 
ILE O    O N N 151 
ILE CB   C N S 152 
ILE CG1  C N N 153 
ILE CG2  C N N 154 
ILE CD1  C N N 155 
ILE OXT  O N N 156 
ILE H    H N N 157 
ILE H2   H N N 158 
ILE HA   H N N 159 
ILE HB   H N N 160 
ILE HG12 H N N 161 
ILE HG13 H N N 162 
ILE HG21 H N N 163 
ILE HG22 H N N 164 
ILE HG23 H N N 165 
ILE HD11 H N N 166 
ILE HD12 H N N 167 
ILE HD13 H N N 168 
ILE HXT  H N N 169 
LEU N    N N N 170 
LEU CA   C N S 171 
LEU C    C N N 172 
LEU O    O N N 173 
LEU CB   C N N 174 
LEU CG   C N N 175 
LEU CD1  C N N 176 
LEU CD2  C N N 177 
LEU OXT  O N N 178 
LEU H    H N N 179 
LEU H2   H N N 180 
LEU HA   H N N 181 
LEU HB2  H N N 182 
LEU HB3  H N N 183 
LEU HG   H N N 184 
LEU HD11 H N N 185 
LEU HD12 H N N 186 
LEU HD13 H N N 187 
LEU HD21 H N N 188 
LEU HD22 H N N 189 
LEU HD23 H N N 190 
LEU HXT  H N N 191 
LYS N    N N N 192 
LYS CA   C N S 193 
LYS C    C N N 194 
LYS O    O N N 195 
LYS CB   C N N 196 
LYS CG   C N N 197 
LYS CD   C N N 198 
LYS CE   C N N 199 
LYS NZ   N N N 200 
LYS OXT  O N N 201 
LYS H    H N N 202 
LYS H2   H N N 203 
LYS HA   H N N 204 
LYS HB2  H N N 205 
LYS HB3  H N N 206 
LYS HG2  H N N 207 
LYS HG3  H N N 208 
LYS HD2  H N N 209 
LYS HD3  H N N 210 
LYS HE2  H N N 211 
LYS HE3  H N N 212 
LYS HZ1  H N N 213 
LYS HZ2  H N N 214 
LYS HZ3  H N N 215 
LYS HXT  H N N 216 
MET N    N N N 217 
MET CA   C N S 218 
MET C    C N N 219 
MET O    O N N 220 
MET CB   C N N 221 
MET CG   C N N 222 
MET SD   S N N 223 
MET CE   C N N 224 
MET OXT  O N N 225 
MET H    H N N 226 
MET H2   H N N 227 
MET HA   H N N 228 
MET HB2  H N N 229 
MET HB3  H N N 230 
MET HG2  H N N 231 
MET HG3  H N N 232 
MET HE1  H N N 233 
MET HE2  H N N 234 
MET HE3  H N N 235 
MET HXT  H N N 236 
PHE N    N N N 237 
PHE CA   C N S 238 
PHE C    C N N 239 
PHE O    O N N 240 
PHE CB   C N N 241 
PHE CG   C Y N 242 
PHE CD1  C Y N 243 
PHE CD2  C Y N 244 
PHE CE1  C Y N 245 
PHE CE2  C Y N 246 
PHE CZ   C Y N 247 
PHE OXT  O N N 248 
PHE H    H N N 249 
PHE H2   H N N 250 
PHE HA   H N N 251 
PHE HB2  H N N 252 
PHE HB3  H N N 253 
PHE HD1  H N N 254 
PHE HD2  H N N 255 
PHE HE1  H N N 256 
PHE HE2  H N N 257 
PHE HZ   H N N 258 
PHE HXT  H N N 259 
PRO N    N N N 260 
PRO CA   C N S 261 
PRO C    C N N 262 
PRO O    O N N 263 
PRO CB   C N N 264 
PRO CG   C N N 265 
PRO CD   C N N 266 
PRO OXT  O N N 267 
PRO H    H N N 268 
PRO HA   H N N 269 
PRO HB2  H N N 270 
PRO HB3  H N N 271 
PRO HG2  H N N 272 
PRO HG3  H N N 273 
PRO HD2  H N N 274 
PRO HD3  H N N 275 
PRO HXT  H N N 276 
SER N    N N N 277 
SER CA   C N S 278 
SER C    C N N 279 
SER O    O N N 280 
SER CB   C N N 281 
SER OG   O N N 282 
SER OXT  O N N 283 
SER H    H N N 284 
SER H2   H N N 285 
SER HA   H N N 286 
SER HB2  H N N 287 
SER HB3  H N N 288 
SER HG   H N N 289 
SER HXT  H N N 290 
SO4 S    S N N 291 
SO4 O1   O N N 292 
SO4 O2   O N N 293 
SO4 O3   O N N 294 
SO4 O4   O N N 295 
THR N    N N N 296 
THR CA   C N S 297 
THR C    C N N 298 
THR O    O N N 299 
THR CB   C N R 300 
THR OG1  O N N 301 
THR CG2  C N N 302 
THR OXT  O N N 303 
THR H    H N N 304 
THR H2   H N N 305 
THR HA   H N N 306 
THR HB   H N N 307 
THR HG1  H N N 308 
THR HG21 H N N 309 
THR HG22 H N N 310 
THR HG23 H N N 311 
THR HXT  H N N 312 
TRP N    N N N 313 
TRP CA   C N S 314 
TRP C    C N N 315 
TRP O    O N N 316 
TRP CB   C N N 317 
TRP CG   C Y N 318 
TRP CD1  C Y N 319 
TRP CD2  C Y N 320 
TRP NE1  N Y N 321 
TRP CE2  C Y N 322 
TRP CE3  C Y N 323 
TRP CZ2  C Y N 324 
TRP CZ3  C Y N 325 
TRP CH2  C Y N 326 
TRP OXT  O N N 327 
TRP H    H N N 328 
TRP H2   H N N 329 
TRP HA   H N N 330 
TRP HB2  H N N 331 
TRP HB3  H N N 332 
TRP HD1  H N N 333 
TRP HE1  H N N 334 
TRP HE3  H N N 335 
TRP HZ2  H N N 336 
TRP HZ3  H N N 337 
TRP HH2  H N N 338 
TRP HXT  H N N 339 
TYR N    N N N 340 
TYR CA   C N S 341 
TYR C    C N N 342 
TYR O    O N N 343 
TYR CB   C N N 344 
TYR CG   C Y N 345 
TYR CD1  C Y N 346 
TYR CD2  C Y N 347 
TYR CE1  C Y N 348 
TYR CE2  C Y N 349 
TYR CZ   C Y N 350 
TYR OH   O N N 351 
TYR OXT  O N N 352 
TYR H    H N N 353 
TYR H2   H N N 354 
TYR HA   H N N 355 
TYR HB2  H N N 356 
TYR HB3  H N N 357 
TYR HD1  H N N 358 
TYR HD2  H N N 359 
TYR HE1  H N N 360 
TYR HE2  H N N 361 
TYR HH   H N N 362 
TYR HXT  H N N 363 
VAL N    N N N 364 
VAL CA   C N S 365 
VAL C    C N N 366 
VAL O    O N N 367 
VAL CB   C N N 368 
VAL CG1  C N N 369 
VAL CG2  C N N 370 
VAL OXT  O N N 371 
VAL H    H N N 372 
VAL H2   H N N 373 
VAL HA   H N N 374 
VAL HB   H N N 375 
VAL HG11 H N N 376 
VAL HG12 H N N 377 
VAL HG13 H N N 378 
VAL HG21 H N N 379 
VAL HG22 H N N 380 
VAL HG23 H N N 381 
VAL HXT  H N N 382 
# 
loop_
_chem_comp_bond.comp_id 
_chem_comp_bond.atom_id_1 
_chem_comp_bond.atom_id_2 
_chem_comp_bond.value_order 
_chem_comp_bond.pdbx_aromatic_flag 
_chem_comp_bond.pdbx_stereo_config 
_chem_comp_bond.pdbx_ordinal 
ALA N   CA   sing N N 1   
ALA N   H    sing N N 2   
ALA N   H2   sing N N 3   
ALA CA  C    sing N N 4   
ALA CA  CB   sing N N 5   
ALA CA  HA   sing N N 6   
ALA C   O    doub N N 7   
ALA C   OXT  sing N N 8   
ALA CB  HB1  sing N N 9   
ALA CB  HB2  sing N N 10  
ALA CB  HB3  sing N N 11  
ALA OXT HXT  sing N N 12  
ASN N   CA   sing N N 13  
ASN N   H    sing N N 14  
ASN N   H2   sing N N 15  
ASN CA  C    sing N N 16  
ASN CA  CB   sing N N 17  
ASN CA  HA   sing N N 18  
ASN C   O    doub N N 19  
ASN C   OXT  sing N N 20  
ASN CB  CG   sing N N 21  
ASN CB  HB2  sing N N 22  
ASN CB  HB3  sing N N 23  
ASN CG  OD1  doub N N 24  
ASN CG  ND2  sing N N 25  
ASN ND2 HD21 sing N N 26  
ASN ND2 HD22 sing N N 27  
ASN OXT HXT  sing N N 28  
ASP N   CA   sing N N 29  
ASP N   H    sing N N 30  
ASP N   H2   sing N N 31  
ASP CA  C    sing N N 32  
ASP CA  CB   sing N N 33  
ASP CA  HA   sing N N 34  
ASP C   O    doub N N 35  
ASP C   OXT  sing N N 36  
ASP CB  CG   sing N N 37  
ASP CB  HB2  sing N N 38  
ASP CB  HB3  sing N N 39  
ASP CG  OD1  doub N N 40  
ASP CG  OD2  sing N N 41  
ASP OD2 HD2  sing N N 42  
ASP OXT HXT  sing N N 43  
CYS N   CA   sing N N 44  
CYS N   H    sing N N 45  
CYS N   H2   sing N N 46  
CYS CA  C    sing N N 47  
CYS CA  CB   sing N N 48  
CYS CA  HA   sing N N 49  
CYS C   O    doub N N 50  
CYS C   OXT  sing N N 51  
CYS CB  SG   sing N N 52  
CYS CB  HB2  sing N N 53  
CYS CB  HB3  sing N N 54  
CYS SG  HG   sing N N 55  
CYS OXT HXT  sing N N 56  
GLN N   CA   sing N N 57  
GLN N   H    sing N N 58  
GLN N   H2   sing N N 59  
GLN CA  C    sing N N 60  
GLN CA  CB   sing N N 61  
GLN CA  HA   sing N N 62  
GLN C   O    doub N N 63  
GLN C   OXT  sing N N 64  
GLN CB  CG   sing N N 65  
GLN CB  HB2  sing N N 66  
GLN CB  HB3  sing N N 67  
GLN CG  CD   sing N N 68  
GLN CG  HG2  sing N N 69  
GLN CG  HG3  sing N N 70  
GLN CD  OE1  doub N N 71  
GLN CD  NE2  sing N N 72  
GLN NE2 HE21 sing N N 73  
GLN NE2 HE22 sing N N 74  
GLN OXT HXT  sing N N 75  
GLU N   CA   sing N N 76  
GLU N   H    sing N N 77  
GLU N   H2   sing N N 78  
GLU CA  C    sing N N 79  
GLU CA  CB   sing N N 80  
GLU CA  HA   sing N N 81  
GLU C   O    doub N N 82  
GLU C   OXT  sing N N 83  
GLU CB  CG   sing N N 84  
GLU CB  HB2  sing N N 85  
GLU CB  HB3  sing N N 86  
GLU CG  CD   sing N N 87  
GLU CG  HG2  sing N N 88  
GLU CG  HG3  sing N N 89  
GLU CD  OE1  doub N N 90  
GLU CD  OE2  sing N N 91  
GLU OE2 HE2  sing N N 92  
GLU OXT HXT  sing N N 93  
GLY N   CA   sing N N 94  
GLY N   H    sing N N 95  
GLY N   H2   sing N N 96  
GLY CA  C    sing N N 97  
GLY CA  HA2  sing N N 98  
GLY CA  HA3  sing N N 99  
GLY C   O    doub N N 100 
GLY C   OXT  sing N N 101 
GLY OXT HXT  sing N N 102 
GOL C1  O1   sing N N 103 
GOL C1  C2   sing N N 104 
GOL C1  H11  sing N N 105 
GOL C1  H12  sing N N 106 
GOL O1  HO1  sing N N 107 
GOL C2  O2   sing N N 108 
GOL C2  C3   sing N N 109 
GOL C2  H2   sing N N 110 
GOL O2  HO2  sing N N 111 
GOL C3  O3   sing N N 112 
GOL C3  H31  sing N N 113 
GOL C3  H32  sing N N 114 
GOL O3  HO3  sing N N 115 
HIS N   CA   sing N N 116 
HIS N   H    sing N N 117 
HIS N   H2   sing N N 118 
HIS CA  C    sing N N 119 
HIS CA  CB   sing N N 120 
HIS CA  HA   sing N N 121 
HIS C   O    doub N N 122 
HIS C   OXT  sing N N 123 
HIS CB  CG   sing N N 124 
HIS CB  HB2  sing N N 125 
HIS CB  HB3  sing N N 126 
HIS CG  ND1  sing Y N 127 
HIS CG  CD2  doub Y N 128 
HIS ND1 CE1  doub Y N 129 
HIS ND1 HD1  sing N N 130 
HIS CD2 NE2  sing Y N 131 
HIS CD2 HD2  sing N N 132 
HIS CE1 NE2  sing Y N 133 
HIS CE1 HE1  sing N N 134 
HIS NE2 HE2  sing N N 135 
HIS OXT HXT  sing N N 136 
HOH O   H1   sing N N 137 
HOH O   H2   sing N N 138 
ILE N   CA   sing N N 139 
ILE N   H    sing N N 140 
ILE N   H2   sing N N 141 
ILE CA  C    sing N N 142 
ILE CA  CB   sing N N 143 
ILE CA  HA   sing N N 144 
ILE C   O    doub N N 145 
ILE C   OXT  sing N N 146 
ILE CB  CG1  sing N N 147 
ILE CB  CG2  sing N N 148 
ILE CB  HB   sing N N 149 
ILE CG1 CD1  sing N N 150 
ILE CG1 HG12 sing N N 151 
ILE CG1 HG13 sing N N 152 
ILE CG2 HG21 sing N N 153 
ILE CG2 HG22 sing N N 154 
ILE CG2 HG23 sing N N 155 
ILE CD1 HD11 sing N N 156 
ILE CD1 HD12 sing N N 157 
ILE CD1 HD13 sing N N 158 
ILE OXT HXT  sing N N 159 
LEU N   CA   sing N N 160 
LEU N   H    sing N N 161 
LEU N   H2   sing N N 162 
LEU CA  C    sing N N 163 
LEU CA  CB   sing N N 164 
LEU CA  HA   sing N N 165 
LEU C   O    doub N N 166 
LEU C   OXT  sing N N 167 
LEU CB  CG   sing N N 168 
LEU CB  HB2  sing N N 169 
LEU CB  HB3  sing N N 170 
LEU CG  CD1  sing N N 171 
LEU CG  CD2  sing N N 172 
LEU CG  HG   sing N N 173 
LEU CD1 HD11 sing N N 174 
LEU CD1 HD12 sing N N 175 
LEU CD1 HD13 sing N N 176 
LEU CD2 HD21 sing N N 177 
LEU CD2 HD22 sing N N 178 
LEU CD2 HD23 sing N N 179 
LEU OXT HXT  sing N N 180 
LYS N   CA   sing N N 181 
LYS N   H    sing N N 182 
LYS N   H2   sing N N 183 
LYS CA  C    sing N N 184 
LYS CA  CB   sing N N 185 
LYS CA  HA   sing N N 186 
LYS C   O    doub N N 187 
LYS C   OXT  sing N N 188 
LYS CB  CG   sing N N 189 
LYS CB  HB2  sing N N 190 
LYS CB  HB3  sing N N 191 
LYS CG  CD   sing N N 192 
LYS CG  HG2  sing N N 193 
LYS CG  HG3  sing N N 194 
LYS CD  CE   sing N N 195 
LYS CD  HD2  sing N N 196 
LYS CD  HD3  sing N N 197 
LYS CE  NZ   sing N N 198 
LYS CE  HE2  sing N N 199 
LYS CE  HE3  sing N N 200 
LYS NZ  HZ1  sing N N 201 
LYS NZ  HZ2  sing N N 202 
LYS NZ  HZ3  sing N N 203 
LYS OXT HXT  sing N N 204 
MET N   CA   sing N N 205 
MET N   H    sing N N 206 
MET N   H2   sing N N 207 
MET CA  C    sing N N 208 
MET CA  CB   sing N N 209 
MET CA  HA   sing N N 210 
MET C   O    doub N N 211 
MET C   OXT  sing N N 212 
MET CB  CG   sing N N 213 
MET CB  HB2  sing N N 214 
MET CB  HB3  sing N N 215 
MET CG  SD   sing N N 216 
MET CG  HG2  sing N N 217 
MET CG  HG3  sing N N 218 
MET SD  CE   sing N N 219 
MET CE  HE1  sing N N 220 
MET CE  HE2  sing N N 221 
MET CE  HE3  sing N N 222 
MET OXT HXT  sing N N 223 
PHE N   CA   sing N N 224 
PHE N   H    sing N N 225 
PHE N   H2   sing N N 226 
PHE CA  C    sing N N 227 
PHE CA  CB   sing N N 228 
PHE CA  HA   sing N N 229 
PHE C   O    doub N N 230 
PHE C   OXT  sing N N 231 
PHE CB  CG   sing N N 232 
PHE CB  HB2  sing N N 233 
PHE CB  HB3  sing N N 234 
PHE CG  CD1  doub Y N 235 
PHE CG  CD2  sing Y N 236 
PHE CD1 CE1  sing Y N 237 
PHE CD1 HD1  sing N N 238 
PHE CD2 CE2  doub Y N 239 
PHE CD2 HD2  sing N N 240 
PHE CE1 CZ   doub Y N 241 
PHE CE1 HE1  sing N N 242 
PHE CE2 CZ   sing Y N 243 
PHE CE2 HE2  sing N N 244 
PHE CZ  HZ   sing N N 245 
PHE OXT HXT  sing N N 246 
PRO N   CA   sing N N 247 
PRO N   CD   sing N N 248 
PRO N   H    sing N N 249 
PRO CA  C    sing N N 250 
PRO CA  CB   sing N N 251 
PRO CA  HA   sing N N 252 
PRO C   O    doub N N 253 
PRO C   OXT  sing N N 254 
PRO CB  CG   sing N N 255 
PRO CB  HB2  sing N N 256 
PRO CB  HB3  sing N N 257 
PRO CG  CD   sing N N 258 
PRO CG  HG2  sing N N 259 
PRO CG  HG3  sing N N 260 
PRO CD  HD2  sing N N 261 
PRO CD  HD3  sing N N 262 
PRO OXT HXT  sing N N 263 
SER N   CA   sing N N 264 
SER N   H    sing N N 265 
SER N   H2   sing N N 266 
SER CA  C    sing N N 267 
SER CA  CB   sing N N 268 
SER CA  HA   sing N N 269 
SER C   O    doub N N 270 
SER C   OXT  sing N N 271 
SER CB  OG   sing N N 272 
SER CB  HB2  sing N N 273 
SER CB  HB3  sing N N 274 
SER OG  HG   sing N N 275 
SER OXT HXT  sing N N 276 
SO4 S   O1   doub N N 277 
SO4 S   O2   doub N N 278 
SO4 S   O3   sing N N 279 
SO4 S   O4   sing N N 280 
THR N   CA   sing N N 281 
THR N   H    sing N N 282 
THR N   H2   sing N N 283 
THR CA  C    sing N N 284 
THR CA  CB   sing N N 285 
THR CA  HA   sing N N 286 
THR C   O    doub N N 287 
THR C   OXT  sing N N 288 
THR CB  OG1  sing N N 289 
THR CB  CG2  sing N N 290 
THR CB  HB   sing N N 291 
THR OG1 HG1  sing N N 292 
THR CG2 HG21 sing N N 293 
THR CG2 HG22 sing N N 294 
THR CG2 HG23 sing N N 295 
THR OXT HXT  sing N N 296 
TRP N   CA   sing N N 297 
TRP N   H    sing N N 298 
TRP N   H2   sing N N 299 
TRP CA  C    sing N N 300 
TRP CA  CB   sing N N 301 
TRP CA  HA   sing N N 302 
TRP C   O    doub N N 303 
TRP C   OXT  sing N N 304 
TRP CB  CG   sing N N 305 
TRP CB  HB2  sing N N 306 
TRP CB  HB3  sing N N 307 
TRP CG  CD1  doub Y N 308 
TRP CG  CD2  sing Y N 309 
TRP CD1 NE1  sing Y N 310 
TRP CD1 HD1  sing N N 311 
TRP CD2 CE2  doub Y N 312 
TRP CD2 CE3  sing Y N 313 
TRP NE1 CE2  sing Y N 314 
TRP NE1 HE1  sing N N 315 
TRP CE2 CZ2  sing Y N 316 
TRP CE3 CZ3  doub Y N 317 
TRP CE3 HE3  sing N N 318 
TRP CZ2 CH2  doub Y N 319 
TRP CZ2 HZ2  sing N N 320 
TRP CZ3 CH2  sing Y N 321 
TRP CZ3 HZ3  sing N N 322 
TRP CH2 HH2  sing N N 323 
TRP OXT HXT  sing N N 324 
TYR N   CA   sing N N 325 
TYR N   H    sing N N 326 
TYR N   H2   sing N N 327 
TYR CA  C    sing N N 328 
TYR CA  CB   sing N N 329 
TYR CA  HA   sing N N 330 
TYR C   O    doub N N 331 
TYR C   OXT  sing N N 332 
TYR CB  CG   sing N N 333 
TYR CB  HB2  sing N N 334 
TYR CB  HB3  sing N N 335 
TYR CG  CD1  doub Y N 336 
TYR CG  CD2  sing Y N 337 
TYR CD1 CE1  sing Y N 338 
TYR CD1 HD1  sing N N 339 
TYR CD2 CE2  doub Y N 340 
TYR CD2 HD2  sing N N 341 
TYR CE1 CZ   doub Y N 342 
TYR CE1 HE1  sing N N 343 
TYR CE2 CZ   sing Y N 344 
TYR CE2 HE2  sing N N 345 
TYR CZ  OH   sing N N 346 
TYR OH  HH   sing N N 347 
TYR OXT HXT  sing N N 348 
VAL N   CA   sing N N 349 
VAL N   H    sing N N 350 
VAL N   H2   sing N N 351 
VAL CA  C    sing N N 352 
VAL CA  CB   sing N N 353 
VAL CA  HA   sing N N 354 
VAL C   O    doub N N 355 
VAL C   OXT  sing N N 356 
VAL CB  CG1  sing N N 357 
VAL CB  CG2  sing N N 358 
VAL CB  HB   sing N N 359 
VAL CG1 HG11 sing N N 360 
VAL CG1 HG12 sing N N 361 
VAL CG1 HG13 sing N N 362 
VAL CG2 HG21 sing N N 363 
VAL CG2 HG22 sing N N 364 
VAL CG2 HG23 sing N N 365 
VAL OXT HXT  sing N N 366 
# 
_pdbx_audit_support.funding_organization   'Medical Research Council (MRC, United Kingdom)' 
_pdbx_audit_support.country                'United Kingdom' 
_pdbx_audit_support.grant_number           ? 
_pdbx_audit_support.ordinal                1 
# 
_pdbx_initial_refinement_model.id               1 
_pdbx_initial_refinement_model.entity_id_list   1 
_pdbx_initial_refinement_model.type             'in silico model' 
_pdbx_initial_refinement_model.source_name      AlphaFold 
_pdbx_initial_refinement_model.accession_code   ? 
_pdbx_initial_refinement_model.details          ? 
# 
_atom_sites.entry_id                    8S7A 
_atom_sites.Cartn_transf_matrix[1][1]   ? 
_atom_sites.Cartn_transf_matrix[1][2]   ? 
_atom_sites.Cartn_transf_matrix[1][3]   ? 
_atom_sites.Cartn_transf_matrix[2][1]   ? 
_atom_sites.Cartn_transf_matrix[2][2]   ? 
_atom_sites.Cartn_transf_matrix[2][3]   ? 
_atom_sites.Cartn_transf_matrix[3][1]   ? 
_atom_sites.Cartn_transf_matrix[3][2]   ? 
_atom_sites.Cartn_transf_matrix[3][3]   ? 
_atom_sites.Cartn_transf_vector[1]      ? 
_atom_sites.Cartn_transf_vector[2]      ? 
_atom_sites.Cartn_transf_vector[3]      ? 
_atom_sites.Cartn_transform_axes        ? 
_atom_sites.fract_transf_matrix[1][1]   0.00767115 
_atom_sites.fract_transf_matrix[1][2]   -0.00229236 
_atom_sites.fract_transf_matrix[1][3]   -0.00628089 
_atom_sites.fract_transf_matrix[2][1]   -0.00398573 
_atom_sites.fract_transf_matrix[2][2]   0.00610724 
_atom_sites.fract_transf_matrix[2][3]   -0.00709694 
_atom_sites.fract_transf_matrix[3][1]   0.01228016 
_atom_sites.fract_transf_matrix[3][2]   0.01786591 
_atom_sites.fract_transf_matrix[3][3]   0.00847774 
_atom_sites.fract_transf_vector[1]      0.149606 
_atom_sites.fract_transf_vector[2]      0.028729 
_atom_sites.fract_transf_vector[3]      -0.084177 
_atom_sites.solution_primary            ? 
_atom_sites.solution_secondary          ? 
_atom_sites.solution_hydrogens          ? 
_atom_sites.special_details             ? 
# 
loop_
_atom_type.symbol 
C 
N 
O 
S 
# 
loop_
_atom_site.group_PDB 
_atom_site.id 
_atom_site.type_symbol 
_atom_site.label_atom_id 
_atom_site.label_alt_id 
_atom_site.label_comp_id 
_atom_site.label_asym_id 
_atom_site.label_entity_id 
_atom_site.label_seq_id 
_atom_site.pdbx_PDB_ins_code 
_atom_site.Cartn_x 
_atom_site.Cartn_y 
_atom_site.Cartn_z 
_atom_site.occupancy 
_atom_site.B_iso_or_equiv 
_atom_site.pdbx_formal_charge 
_atom_site.auth_seq_id 
_atom_site.auth_comp_id 
_atom_site.auth_asym_id 
_atom_site.auth_atom_id 
_atom_site.pdbx_PDB_model_num 
ATOM   1   N N   . PRO A 1 11 ? 15.608  -5.284  13.254  1.00 83.70 ? 95  PRO A N   1 
ATOM   2   C CA  . PRO A 1 11 ? 15.546  -5.051  11.806  1.00 87.49 ? 95  PRO A CA  1 
ATOM   3   C C   . PRO A 1 11 ? 14.852  -3.736  11.451  1.00 84.87 ? 95  PRO A C   1 
ATOM   4   O O   . PRO A 1 11 ? 14.262  -3.100  12.325  1.00 83.30 ? 95  PRO A O   1 
ATOM   5   C CB  . PRO A 1 11 ? 14.739  -6.247  11.294  1.00 87.86 ? 95  PRO A CB  1 
ATOM   6   C CG  . PRO A 1 11 ? 13.875  -6.628  12.448  1.00 84.58 ? 95  PRO A CG  1 
ATOM   7   C CD  . PRO A 1 11 ? 14.701  -6.365  13.679  1.00 86.82 ? 95  PRO A CD  1 
ATOM   8   N N   . TRP A 1 12 ? 14.932  -3.341  10.182  1.00 84.61 ? 96  TRP A N   1 
ATOM   9   C CA  . TRP A 1 12 ? 14.296  -2.121  9.698   1.00 79.48 ? 96  TRP A CA  1 
ATOM   10  C C   . TRP A 1 12 ? 12.932  -2.470  9.118   1.00 75.32 ? 96  TRP A C   1 
ATOM   11  O O   . TRP A 1 12 ? 12.837  -3.294  8.202   1.00 76.73 ? 96  TRP A O   1 
ATOM   12  C CB  . TRP A 1 12 ? 15.171  -1.439  8.648   1.00 73.42 ? 96  TRP A CB  1 
ATOM   13  C CG  . TRP A 1 12 ? 14.688  -0.082  8.246   1.00 71.00 ? 96  TRP A CG  1 
ATOM   14  C CD1 . TRP A 1 12 ? 15.001  1.106   8.835   1.00 68.78 ? 96  TRP A CD1 1 
ATOM   15  C CD2 . TRP A 1 12 ? 13.804  0.226   7.161   1.00 68.74 ? 96  TRP A CD2 1 
ATOM   16  N NE1 . TRP A 1 12 ? 14.368  2.139   8.184   1.00 69.67 ? 96  TRP A NE1 1 
ATOM   17  C CE2 . TRP A 1 12 ? 13.626  1.624   7.153   1.00 68.85 ? 96  TRP A CE2 1 
ATOM   18  C CE3 . TRP A 1 12 ? 13.145  -0.543  6.198   1.00 73.03 ? 96  TRP A CE3 1 
ATOM   19  C CZ2 . TRP A 1 12 ? 12.819  2.269   6.220   1.00 68.99 ? 96  TRP A CZ2 1 
ATOM   20  C CZ3 . TRP A 1 12 ? 12.342  0.101   5.271   1.00 68.00 ? 96  TRP A CZ3 1 
ATOM   21  C CH2 . TRP A 1 12 ? 12.188  1.491   5.288   1.00 66.58 ? 96  TRP A CH2 1 
ATOM   22  N N   . LYS A 1 13 ? 11.882  -1.838  9.637   1.00 71.28 ? 97  LYS A N   1 
ATOM   23  C CA  . LYS A 1 13 ? 10.518  -2.218  9.302   1.00 64.40 ? 97  LYS A CA  1 
ATOM   24  C C   . LYS A 1 13 ? 9.629   -0.986  9.226   1.00 66.25 ? 97  LYS A C   1 
ATOM   25  O O   . LYS A 1 13 ? 9.762   -0.060  10.032  1.00 66.30 ? 97  LYS A O   1 
ATOM   26  C CB  . LYS A 1 13 ? 9.963   -3.205  10.340  1.00 68.69 ? 97  LYS A CB  1 
ATOM   27  C CG  . LYS A 1 13 ? 9.129   -4.326  9.757   1.00 70.76 ? 97  LYS A CG  1 
ATOM   28  C CD  . LYS A 1 13 ? 8.960   -5.477  10.743  1.00 71.80 ? 97  LYS A CD  1 
ATOM   29  C CE  . LYS A 1 13 ? 10.243  -6.290  10.876  1.00 79.04 ? 97  LYS A CE  1 
ATOM   30  N NZ  . LYS A 1 13 ? 9.968   -7.745  11.069  1.00 73.27 ? 97  LYS A NZ  1 
ATOM   31  N N   . VAL A 1 14 ? 8.723   -0.980  8.250   1.00 64.99 ? 98  VAL A N   1 
ATOM   32  C CA  . VAL A 1 14 ? 7.680   0.035   8.130   1.00 62.68 ? 98  VAL A CA  1 
ATOM   33  C C   . VAL A 1 14 ? 6.340   -0.687  8.144   1.00 60.99 ? 98  VAL A C   1 
ATOM   34  O O   . VAL A 1 14 ? 6.086   -1.550  7.294   1.00 62.15 ? 98  VAL A O   1 
ATOM   35  C CB  . VAL A 1 14 ? 7.832   0.878   6.853   1.00 59.54 ? 98  VAL A CB  1 
ATOM   36  C CG1 . VAL A 1 14 ? 6.613   1.768   6.660   1.00 62.67 ? 98  VAL A CG1 1 
ATOM   37  C CG2 . VAL A 1 14 ? 9.098   1.710   6.910   1.00 60.70 ? 98  VAL A CG2 1 
ATOM   38  N N   . SER A 1 15 ? 5.492   -0.345  9.110   1.00 61.89 ? 99  SER A N   1 
ATOM   39  C CA  . SER A 1 15 ? 4.164   -0.937  9.238   1.00 58.12 ? 99  SER A CA  1 
ATOM   40  C C   . SER A 1 15 ? 3.143   0.075   8.730   1.00 59.60 ? 99  SER A C   1 
ATOM   41  O O   . SER A 1 15 ? 2.976   1.146   9.322   1.00 66.49 ? 99  SER A O   1 
ATOM   42  C CB  . SER A 1 15 ? 3.883   -1.332  10.685  1.00 61.63 ? 99  SER A CB  1 
ATOM   43  O OG  . SER A 1 15 ? 4.806   -2.310  11.131  1.00 62.48 ? 99  SER A OG  1 
ATOM   44  N N   . VAL A 1 16 ? 2.462   -0.268  7.641   1.00 60.81 ? 100 VAL A N   1 
ATOM   45  C CA  . VAL A 1 16 ? 1.549   0.643   6.958   1.00 53.48 ? 100 VAL A CA  1 
ATOM   46  C C   . VAL A 1 16 ? 0.118   0.221   7.258   1.00 55.51 ? 100 VAL A C   1 
ATOM   47  O O   . VAL A 1 16 ? -0.279  -0.913  6.965   1.00 57.13 ? 100 VAL A O   1 
ATOM   48  C CB  . VAL A 1 16 ? 1.800   0.665   5.443   1.00 53.27 ? 100 VAL A CB  1 
ATOM   49  C CG1 . VAL A 1 16 ? 0.851   1.640   4.771   1.00 55.20 ? 100 VAL A CG1 1 
ATOM   50  C CG2 . VAL A 1 16 ? 3.246   1.028   5.151   1.00 54.45 ? 100 VAL A CG2 1 
ATOM   51  N N   . ASN A 1 17 ? -0.659  1.142   7.828   1.00 54.07 ? 101 ASN A N   1 
ATOM   52  C CA  . ASN A 1 17 ? -2.085  0.941   8.059   1.00 54.25 ? 101 ASN A CA  1 
ATOM   53  C C   . ASN A 1 17 ? -2.832  1.324   6.786   1.00 55.01 ? 101 ASN A C   1 
ATOM   54  O O   . ASN A 1 17 ? -2.930  2.508   6.445   1.00 54.19 ? 101 ASN A O   1 
ATOM   55  C CB  . ASN A 1 17 ? -2.555  1.767   9.256   1.00 58.36 ? 101 ASN A CB  1 
ATOM   56  C CG  . ASN A 1 17 ? -4.003  1.497   9.633   1.00 60.84 ? 101 ASN A CG  1 
ATOM   57  O OD1 . ASN A 1 17 ? -4.675  0.660   9.028   1.00 61.60 ? 101 ASN A OD1 1 
ATOM   58  N ND2 . ASN A 1 17 ? -4.488  2.207   10.645  1.00 64.10 ? 101 ASN A ND2 1 
ATOM   59  N N   . VAL A 1 18 ? -3.356  0.317   6.075   1.00 50.39 ? 102 VAL A N   1 
ATOM   60  C CA  . VAL A 1 18 ? -4.073  0.568   4.825   1.00 53.23 ? 102 VAL A CA  1 
ATOM   61  C C   . VAL A 1 18 ? -5.541  0.885   5.044   1.00 53.96 ? 102 VAL A C   1 
ATOM   62  O O   . VAL A 1 18 ? -6.261  1.123   4.065   1.00 59.62 ? 102 VAL A O   1 
ATOM   63  C CB  . VAL A 1 18 ? -3.940  -0.635  3.870   1.00 50.07 ? 102 VAL A CB  1 
ATOM   64  C CG1 . VAL A 1 18 ? -2.480  -0.996  3.687   1.00 49.57 ? 102 VAL A CG1 1 
ATOM   65  C CG2 . VAL A 1 18 ? -4.720  -1.824  4.398   1.00 52.06 ? 102 VAL A CG2 1 
ATOM   66  N N   . HIS A 1 19 ? -6.008  0.885   6.292   1.00 54.44 ? 103 HIS A N   1 
ATOM   67  C CA  . HIS A 1 19 ? -7.362  1.320   6.669   1.00 55.96 ? 103 HIS A CA  1 
ATOM   68  C C   . HIS A 1 19 ? -8.373  0.386   6.008   1.00 55.03 ? 103 HIS A C   1 
ATOM   69  O O   . HIS A 1 19 ? -8.272  -0.840  6.187   1.00 59.44 ? 103 HIS A O   1 
ATOM   70  C CB  . HIS A 1 19 ? -7.515  2.800   6.344   1.00 57.11 ? 103 HIS A CB  1 
ATOM   71  C CG  . HIS A 1 19 ? -6.530  3.673   7.054   1.00 59.01 ? 103 HIS A CG  1 
ATOM   72  N ND1 . HIS A 1 19 ? -6.466  3.753   8.428   1.00 59.04 ? 103 HIS A ND1 1 
ATOM   73  C CD2 . HIS A 1 19 ? -5.568  4.501   6.584   1.00 57.56 ? 103 HIS A CD2 1 
ATOM   74  C CE1 . HIS A 1 19 ? -5.507  4.594   8.774   1.00 61.80 ? 103 HIS A CE1 1 
ATOM   75  N NE2 . HIS A 1 19 ? -4.946  5.060   7.673   1.00 56.38 ? 103 HIS A NE2 1 
ATOM   76  N N   . SER A 1 20 ? -9.347  0.893   5.257   1.00 55.66 ? 104 SER A N   1 
ATOM   77  C CA  . SER A 1 20 ? -10.416 0.066   4.713   1.00 54.76 ? 104 SER A CA  1 
ATOM   78  C C   . SER A 1 20 ? -10.089 -0.519  3.347   1.00 58.98 ? 104 SER A C   1 
ATOM   79  O O   . SER A 1 20 ? -10.952 -1.165  2.743   1.00 62.84 ? 104 SER A O   1 
ATOM   80  C CB  . SER A 1 20 ? -11.718 0.872   4.626   1.00 62.68 ? 104 SER A CB  1 
ATOM   81  O OG  . SER A 1 20 ? -11.619 1.915   3.672   1.00 69.05 ? 104 SER A OG  1 
ATOM   82  N N   . PHE A 1 21 ? -8.876  -0.315  2.841   1.00 52.89 ? 105 PHE A N   1 
ATOM   83  C CA  . PHE A 1 21 ? -8.520  -0.872  1.545   1.00 56.90 ? 105 PHE A CA  1 
ATOM   84  C C   . PHE A 1 21 ? -8.303  -2.375  1.669   1.00 57.69 ? 105 PHE A C   1 
ATOM   85  O O   . PHE A 1 21 ? -7.565  -2.838  2.543   1.00 57.84 ? 105 PHE A O   1 
ATOM   86  C CB  . PHE A 1 21 ? -7.269  -0.185  0.998   1.00 55.43 ? 105 PHE A CB  1 
ATOM   87  C CG  . PHE A 1 21 ? -7.529  1.185   0.436   1.00 54.32 ? 105 PHE A CG  1 
ATOM   88  C CD1 . PHE A 1 21 ? -7.636  1.380   -0.933  1.00 57.04 ? 105 PHE A CD1 1 
ATOM   89  C CD2 . PHE A 1 21 ? -7.670  2.276   1.277   1.00 58.60 ? 105 PHE A CD2 1 
ATOM   90  C CE1 . PHE A 1 21 ? -7.875  2.640   -1.452  1.00 55.89 ? 105 PHE A CE1 1 
ATOM   91  C CE2 . PHE A 1 21 ? -7.914  3.541   0.765   1.00 57.33 ? 105 PHE A CE2 1 
ATOM   92  C CZ  . PHE A 1 21 ? -8.017  3.723   -0.601  1.00 55.25 ? 105 PHE A CZ  1 
ATOM   93  N N   . LYS A 1 22 ? -8.967  -3.136  0.805   1.00 55.64 ? 106 LYS A N   1 
ATOM   94  C CA  . LYS A 1 22 ? -8.840  -4.582  0.839   1.00 57.05 ? 106 LYS A CA  1 
ATOM   95  C C   . LYS A 1 22 ? -7.441  -5.000  0.385   1.00 60.15 ? 106 LYS A C   1 
ATOM   96  O O   . LYS A 1 22 ? -6.795  -4.290  -0.391  1.00 62.10 ? 106 LYS A O   1 
ATOM   97  C CB  . LYS A 1 22 ? -9.901  -5.226  -0.050  1.00 60.65 ? 106 LYS A CB  1 
ATOM   98  C CG  . LYS A 1 22 ? -11.301 -5.213  0.552   1.00 64.72 ? 106 LYS A CG  1 
ATOM   99  C CD  . LYS A 1 22 ? -12.183 -6.297  -0.055  1.00 76.30 ? 106 LYS A CD  1 
ATOM   100 C CE  . LYS A 1 22 ? -13.588 -6.268  0.540   1.00 85.57 ? 106 LYS A CE  1 
ATOM   101 N NZ  . LYS A 1 22 ? -14.375 -7.493  0.207   1.00 78.71 ? 106 LYS A NZ  1 
ATOM   102 N N   . PRO A 1 23 ? -6.943  -6.143  0.867   1.00 58.69 ? 107 PRO A N   1 
ATOM   103 C CA  . PRO A 1 23 ? -5.590  -6.573  0.464   1.00 64.59 ? 107 PRO A CA  1 
ATOM   104 C C   . PRO A 1 23 ? -5.436  -6.770  -1.035  1.00 63.00 ? 107 PRO A C   1 
ATOM   105 O O   . PRO A 1 23 ? -4.349  -6.528  -1.575  1.00 61.56 ? 107 PRO A O   1 
ATOM   106 C CB  . PRO A 1 23 ? -5.398  -7.890  1.231   1.00 58.18 ? 107 PRO A CB  1 
ATOM   107 C CG  . PRO A 1 23 ? -6.347  -7.802  2.383   1.00 61.22 ? 107 PRO A CG  1 
ATOM   108 C CD  . PRO A 1 23 ? -7.533  -7.042  1.873   1.00 59.53 ? 107 PRO A CD  1 
ATOM   109 N N   . GLU A 1 24 ? -6.494  -7.195  -1.726  1.00 62.02 ? 108 GLU A N   1 
ATOM   110 C CA  . GLU A 1 24 ? -6.443  -7.369  -3.172  1.00 58.31 ? 108 GLU A CA  1 
ATOM   111 C C   . GLU A 1 24 ? -6.371  -6.045  -3.921  1.00 58.68 ? 108 GLU A C   1 
ATOM   112 O O   . GLU A 1 24 ? -6.113  -6.052  -5.130  1.00 60.43 ? 108 GLU A O   1 
ATOM   113 C CB  . GLU A 1 24 ? -7.665  -8.160  -3.647  1.00 68.22 ? 108 GLU A CB  1 
ATOM   114 C CG  . GLU A 1 24 ? -7.756  -9.580  -3.095  1.00 81.24 ? 108 GLU A CG  1 
ATOM   115 C CD  . GLU A 1 24 ? -8.326  -9.634  -1.686  1.00 79.43 ? 108 GLU A CD  1 
ATOM   116 O OE1 . GLU A 1 24 ? -7.975  -10.574 -0.937  1.00 81.70 ? 108 GLU A OE1 1 
ATOM   117 O OE2 . GLU A 1 24 ? -9.121  -8.735  -1.329  1.00 74.44 ? 108 GLU A OE2 1 
ATOM   118 N N   . GLU A 1 25 ? -6.597  -4.922  -3.239  1.00 56.24 ? 109 GLU A N   1 
ATOM   119 C CA  . GLU A 1 25 ? -6.566  -3.607  -3.861  1.00 56.00 ? 109 GLU A CA  1 
ATOM   120 C C   . GLU A 1 25 ? -5.229  -2.898  -3.694  1.00 59.58 ? 109 GLU A C   1 
ATOM   121 O O   . GLU A 1 25 ? -5.044  -1.817  -4.266  1.00 64.77 ? 109 GLU A O   1 
ATOM   122 C CB  . GLU A 1 25 ? -7.683  -2.725  -3.287  1.00 56.58 ? 109 GLU A CB  1 
ATOM   123 C CG  . GLU A 1 25 ? -9.084  -3.259  -3.538  1.00 53.54 ? 109 GLU A CG  1 
ATOM   124 C CD  . GLU A 1 25 ? -10.138 -2.546  -2.714  1.00 61.35 ? 109 GLU A CD  1 
ATOM   125 O OE1 . GLU A 1 25 ? -9.865  -2.218  -1.541  1.00 61.75 ? 109 GLU A OE1 1 
ATOM   126 O OE2 . GLU A 1 25 ? -11.245 -2.309  -3.242  1.00 64.73 ? 109 GLU A OE2 1 
ATOM   127 N N   . LEU A 1 26 ? -4.303  -3.472  -2.932  1.00 59.58 ? 110 LEU A N   1 
ATOM   128 C CA  . LEU A 1 26 ? -2.999  -2.873  -2.696  1.00 56.89 ? 110 LEU A CA  1 
ATOM   129 C C   . LEU A 1 26 ? -2.029  -3.217  -3.821  1.00 55.26 ? 110 LEU A C   1 
ATOM   130 O O   . LEU A 1 26 ? -2.199  -4.203  -4.541  1.00 54.58 ? 110 LEU A O   1 
ATOM   131 C CB  . LEU A 1 26 ? -2.425  -3.349  -1.364  1.00 55.20 ? 110 LEU A CB  1 
ATOM   132 C CG  . LEU A 1 26 ? -3.349  -3.271  -0.152  1.00 52.49 ? 110 LEU A CG  1 
ATOM   133 C CD1 . LEU A 1 26 ? -2.643  -3.819  1.078   1.00 53.77 ? 110 LEU A CD1 1 
ATOM   134 C CD2 . LEU A 1 26 ? -3.806  -1.840  0.071   1.00 55.14 ? 110 LEU A CD2 1 
ATOM   135 N N   . MET A 1 27 ? -0.993  -2.389  -3.958  1.00 52.95 ? 111 MET A N   1 
ATOM   136 C CA  . MET A 1 27 ? 0.096   -2.672  -4.881  1.00 52.49 ? 111 MET A CA  1 
ATOM   137 C C   . MET A 1 27 ? 1.394   -2.138  -4.292  1.00 56.49 ? 111 MET A C   1 
ATOM   138 O O   . MET A 1 27 ? 1.419   -1.038  -3.732  1.00 58.15 ? 111 MET A O   1 
ATOM   139 C CB  . MET A 1 27 ? -0.157  -2.055  -6.264  1.00 61.04 ? 111 MET A CB  1 
ATOM   140 C CG  . MET A 1 27 ? 1.093   -1.939  -7.137  1.00 56.97 ? 111 MET A CG  1 
ATOM   141 S SD  . MET A 1 27 ? 0.919   -0.767  -8.499  1.00 66.99 ? 111 MET A SD  1 
ATOM   142 C CE  . MET A 1 27 ? -0.225  -1.645  -9.558  1.00 59.91 ? 111 MET A CE  1 
ATOM   143 N N   . VAL A 1 28 ? 2.461   -2.927  -4.409  1.00 52.94 ? 112 VAL A N   1 
ATOM   144 C CA  . VAL A 1 28 ? 3.794   -2.542  -3.954  1.00 56.21 ? 112 VAL A CA  1 
ATOM   145 C C   . VAL A 1 28 ? 4.710   -2.448  -5.167  1.00 56.84 ? 112 VAL A C   1 
ATOM   146 O O   . VAL A 1 28 ? 4.806   -3.392  -5.961  1.00 56.52 ? 112 VAL A O   1 
ATOM   147 C CB  . VAL A 1 28 ? 4.353   -3.534  -2.919  1.00 52.81 ? 112 VAL A CB  1 
ATOM   148 C CG1 . VAL A 1 28 ? 5.760   -3.129  -2.512  1.00 55.26 ? 112 VAL A CG1 1 
ATOM   149 C CG2 . VAL A 1 28 ? 3.443   -3.605  -1.702  1.00 56.24 ? 112 VAL A CG2 1 
ATOM   150 N N   . LYS A 1 29 ? 5.385   -1.310  -5.304  1.00 53.17 ? 113 LYS A N   1 
ATOM   151 C CA  . LYS A 1 29 ? 6.254   -1.026  -6.436  1.00 54.45 ? 113 LYS A CA  1 
ATOM   152 C C   . LYS A 1 29 ? 7.584   -0.524  -5.896  1.00 57.51 ? 113 LYS A C   1 
ATOM   153 O O   . LYS A 1 29 ? 7.611   0.403   -5.081  1.00 59.69 ? 113 LYS A O   1 
ATOM   154 C CB  . LYS A 1 29 ? 5.605   0.012   -7.363  1.00 53.94 ? 113 LYS A CB  1 
ATOM   155 C CG  . LYS A 1 29 ? 6.502   0.572   -8.448  1.00 65.10 ? 113 LYS A CG  1 
ATOM   156 C CD  . LYS A 1 29 ? 5.822   1.730   -9.177  1.00 68.60 ? 113 LYS A CD  1 
ATOM   157 C CE  . LYS A 1 29 ? 4.422   1.357   -9.657  1.00 74.02 ? 113 LYS A CE  1 
ATOM   158 N NZ  . LYS A 1 29 ? 3.789   2.443   -10.465 1.00 74.63 ? 113 LYS A NZ  1 
ATOM   159 N N   . THR A 1 30 ? 8.681   -1.147  -6.326  1.00 53.21 ? 114 THR A N   1 
ATOM   160 C CA  . THR A 1 30 ? 10.001  -0.779  -5.834  1.00 53.82 ? 114 THR A CA  1 
ATOM   161 C C   . THR A 1 30 ? 10.981  -0.629  -6.990  1.00 60.51 ? 114 THR A C   1 
ATOM   162 O O   . THR A 1 30 ? 10.985  -1.432  -7.929  1.00 53.58 ? 114 THR A O   1 
ATOM   163 C CB  . THR A 1 30 ? 10.536  -1.809  -4.826  1.00 59.15 ? 114 THR A CB  1 
ATOM   164 O OG1 . THR A 1 30 ? 11.888  -1.482  -4.478  1.00 64.25 ? 114 THR A OG1 1 
ATOM   165 C CG2 . THR A 1 30 ? 10.495  -3.211  -5.407  1.00 55.88 ? 114 THR A CG2 1 
ATOM   166 N N   . LYS A 1 31 ? 11.807  0.414   -6.910  1.00 62.11 ? 115 LYS A N   1 
ATOM   167 C CA  . LYS A 1 31 ? 12.845  0.672   -7.899  1.00 58.42 ? 115 LYS A CA  1 
ATOM   168 C C   . LYS A 1 31 ? 13.830  1.682   -7.328  1.00 64.87 ? 115 LYS A C   1 
ATOM   169 O O   . LYS A 1 31 ? 13.421  2.748   -6.856  1.00 63.09 ? 115 LYS A O   1 
ATOM   170 C CB  . LYS A 1 31 ? 12.250  1.200   -9.210  1.00 57.98 ? 115 LYS A CB  1 
ATOM   171 C CG  . LYS A 1 31 ? 13.277  1.862   -10.116 1.00 53.91 ? 115 LYS A CG  1 
ATOM   172 C CD  . LYS A 1 31 ? 12.749  2.051   -11.526 1.00 50.56 ? 115 LYS A CD  1 
ATOM   173 C CE  . LYS A 1 31 ? 13.851  2.544   -12.458 1.00 53.96 ? 115 LYS A CE  1 
ATOM   174 N NZ  . LYS A 1 31 ? 13.396  2.586   -13.874 1.00 56.68 ? 115 LYS A NZ  1 
ATOM   175 N N   . ASP A 1 32 ? 15.119  1.337   -7.363  1.00 64.80 ? 116 ASP A N   1 
ATOM   176 C CA  . ASP A 1 32 ? 16.208  2.259   -7.039  1.00 64.39 ? 116 ASP A CA  1 
ATOM   177 C C   . ASP A 1 32 ? 16.074  2.814   -5.618  1.00 63.42 ? 116 ASP A C   1 
ATOM   178 O O   . ASP A 1 32 ? 16.059  4.025   -5.386  1.00 67.39 ? 116 ASP A O   1 
ATOM   179 C CB  . ASP A 1 32 ? 16.279  3.390   -8.070  1.00 64.88 ? 116 ASP A CB  1 
ATOM   180 C CG  . ASP A 1 32 ? 17.538  4.211   -7.942  1.00 71.61 ? 116 ASP A CG  1 
ATOM   181 O OD1 . ASP A 1 32 ? 18.629  3.608   -7.853  1.00 72.43 ? 116 ASP A OD1 1 
ATOM   182 O OD2 . ASP A 1 32 ? 17.436  5.456   -7.926  1.00 76.98 ? 116 ASP A OD2 1 
ATOM   183 N N   . GLY A 1 33 ? 15.977  1.896   -4.660  1.00 61.88 ? 117 GLY A N   1 
ATOM   184 C CA  . GLY A 1 33 ? 15.972  2.285   -3.264  1.00 67.51 ? 117 GLY A CA  1 
ATOM   185 C C   . GLY A 1 33 ? 14.713  2.962   -2.773  1.00 64.84 ? 117 GLY A C   1 
ATOM   186 O O   . GLY A 1 33 ? 14.723  3.525   -1.674  1.00 65.33 ? 117 GLY A O   1 
ATOM   187 N N   . TYR A 1 34 ? 13.630  2.934   -3.548  1.00 60.42 ? 118 TYR A N   1 
ATOM   188 C CA  . TYR A 1 34 ? 12.349  3.472   -3.113  1.00 62.73 ? 118 TYR A CA  1 
ATOM   189 C C   . TYR A 1 34 ? 11.285  2.391   -3.220  1.00 60.18 ? 118 TYR A C   1 
ATOM   190 O O   . TYR A 1 34 ? 11.328  1.553   -4.127  1.00 60.66 ? 118 TYR A O   1 
ATOM   191 C CB  . TYR A 1 34 ? 11.941  4.699   -3.937  1.00 61.92 ? 118 TYR A CB  1 
ATOM   192 C CG  . TYR A 1 34 ? 12.804  5.911   -3.672  1.00 70.06 ? 118 TYR A CG  1 
ATOM   193 C CD1 . TYR A 1 34 ? 12.532  6.766   -2.608  1.00 68.84 ? 118 TYR A CD1 1 
ATOM   194 C CD2 . TYR A 1 34 ? 13.897  6.199   -4.481  1.00 74.75 ? 118 TYR A CD2 1 
ATOM   195 C CE1 . TYR A 1 34 ? 13.326  7.873   -2.360  1.00 71.65 ? 118 TYR A CE1 1 
ATOM   196 C CE2 . TYR A 1 34 ? 14.694  7.302   -4.243  1.00 76.33 ? 118 TYR A CE2 1 
ATOM   197 C CZ  . TYR A 1 34 ? 14.405  8.135   -3.183  1.00 76.16 ? 118 TYR A CZ  1 
ATOM   198 O OH  . TYR A 1 34 ? 15.200  9.233   -2.945  1.00 88.39 ? 118 TYR A OH  1 
ATOM   199 N N   . VAL A 1 35 ? 10.341  2.410   -2.282  1.00 59.95 ? 119 VAL A N   1 
ATOM   200 C CA  . VAL A 1 35 ? 9.204   1.496   -2.268  1.00 60.21 ? 119 VAL A CA  1 
ATOM   201 C C   . VAL A 1 35 ? 7.937   2.330   -2.165  1.00 64.24 ? 119 VAL A C   1 
ATOM   202 O O   . VAL A 1 35 ? 7.779   3.110   -1.219  1.00 64.06 ? 119 VAL A O   1 
ATOM   203 C CB  . VAL A 1 35 ? 9.273   0.490   -1.107  1.00 60.90 ? 119 VAL A CB  1 
ATOM   204 C CG1 . VAL A 1 35 ? 7.971   -0.290  -1.009  1.00 58.55 ? 119 VAL A CG1 1 
ATOM   205 C CG2 . VAL A 1 35 ? 10.450  -0.449  -1.284  1.00 61.65 ? 119 VAL A CG2 1 
ATOM   206 N N   . GLU A 1 36 ? 7.037   2.165   -3.128  1.00 56.60 ? 120 GLU A N   1 
ATOM   207 C CA  . GLU A 1 36 ? 5.767   2.876   -3.147  1.00 58.31 ? 120 GLU A CA  1 
ATOM   208 C C   . GLU A 1 36 ? 4.645   1.867   -2.956  1.00 55.99 ? 120 GLU A C   1 
ATOM   209 O O   . GLU A 1 36 ? 4.479   0.954   -3.771  1.00 59.90 ? 120 GLU A O   1 
ATOM   210 C CB  . GLU A 1 36 ? 5.595   3.642   -4.458  1.00 58.17 ? 120 GLU A CB  1 
ATOM   211 C CG  . GLU A 1 36 ? 4.183   4.108   -4.744  1.00 58.13 ? 120 GLU A CG  1 
ATOM   212 C CD  . GLU A 1 36 ? 4.031   4.629   -6.162  1.00 69.31 ? 120 GLU A CD  1 
ATOM   213 O OE1 . GLU A 1 36 ? 4.823   5.511   -6.559  1.00 74.01 ? 120 GLU A OE1 1 
ATOM   214 O OE2 . GLU A 1 36 ? 3.128   4.148   -6.882  1.00 71.11 ? 120 GLU A OE2 1 
ATOM   215 N N   . VAL A 1 37 ? 3.890   2.019   -1.882  1.00 52.26 ? 121 VAL A N   1 
ATOM   216 C CA  . VAL A 1 37 ? 2.689   1.222   -1.673  1.00 55.92 ? 121 VAL A CA  1 
ATOM   217 C C   . VAL A 1 37 ? 1.479   2.095   -1.972  1.00 53.82 ? 121 VAL A C   1 
ATOM   218 O O   . VAL A 1 37 ? 1.458   3.292   -1.652  1.00 52.22 ? 121 VAL A O   1 
ATOM   219 C CB  . VAL A 1 37 ? 2.638   0.629   -0.251  1.00 55.80 ? 121 VAL A CB  1 
ATOM   220 C CG1 . VAL A 1 37 ? 3.997   0.056   0.115   1.00 59.40 ? 121 VAL A CG1 1 
ATOM   221 C CG2 . VAL A 1 37 ? 2.221   1.670   0.763   1.00 57.95 ? 121 VAL A CG2 1 
ATOM   222 N N   . SER A 1 38 ? 0.489   1.507   -2.634  1.00 55.31 ? 122 SER A N   1 
ATOM   223 C CA  . SER A 1 38 ? -0.696  2.236   -3.048  1.00 52.74 ? 122 SER A CA  1 
ATOM   224 C C   . SER A 1 38 ? -1.902  1.311   -2.980  1.00 55.11 ? 122 SER A C   1 
ATOM   225 O O   . SER A 1 38 ? -1.770  0.089   -2.890  1.00 55.57 ? 122 SER A O   1 
ATOM   226 C CB  . SER A 1 38 ? -0.540  2.819   -4.464  1.00 55.10 ? 122 SER A CB  1 
ATOM   227 O OG  . SER A 1 38 ? -0.419  1.802   -5.447  1.00 53.84 ? 122 SER A OG  1 
ATOM   228 N N   . GLY A 1 39 ? -3.085  1.920   -2.999  1.00 52.35 ? 123 GLY A N   1 
ATOM   229 C CA  . GLY A 1 39 ? -4.322  1.170   -3.021  1.00 51.58 ? 123 GLY A CA  1 
ATOM   230 C C   . GLY A 1 39 ? -5.324  1.866   -3.919  1.00 52.88 ? 123 GLY A C   1 
ATOM   231 O O   . GLY A 1 39 ? -5.251  3.073   -4.142  1.00 56.91 ? 123 GLY A O   1 
ATOM   232 N N   . LYS A 1 40 ? -6.258  1.077   -4.443  1.00 55.51 ? 124 LYS A N   1 
ATOM   233 C CA  . LYS A 1 40 ? -7.267  1.601   -5.361  1.00 52.04 ? 124 LYS A CA  1 
ATOM   234 C C   . LYS A 1 40 ? -8.569  0.853   -5.133  1.00 59.16 ? 124 LYS A C   1 
ATOM   235 O O   . LYS A 1 40 ? -8.590  -0.378  -5.208  1.00 60.23 ? 124 LYS A O   1 
ATOM   236 C CB  . LYS A 1 40 ? -6.807  1.460   -6.814  1.00 56.47 ? 124 LYS A CB  1 
ATOM   237 C CG  . LYS A 1 40 ? -7.859  1.839   -7.841  1.00 65.56 ? 124 LYS A CG  1 
ATOM   238 C CD  . LYS A 1 40 ? -7.242  2.097   -9.212  1.00 74.04 ? 124 LYS A CD  1 
ATOM   239 C CE  . LYS A 1 40 ? -6.288  0.985   -9.622  1.00 77.99 ? 124 LYS A CE  1 
ATOM   240 N NZ  . LYS A 1 40 ? -5.970  1.034   -11.081 1.00 83.40 ? 124 LYS A NZ  1 
ATOM   241 N N   . HIS A 1 41 ? -9.645  1.593   -4.855  1.00 56.15 ? 125 HIS A N   1 
ATOM   242 C CA  . HIS A 1 41 ? -10.966 1.019   -4.637  1.00 55.69 ? 125 HIS A CA  1 
ATOM   243 C C   . HIS A 1 41 ? -12.010 1.831   -5.388  1.00 59.64 ? 125 HIS A C   1 
ATOM   244 O O   . HIS A 1 41 ? -11.977 3.065   -5.369  1.00 58.49 ? 125 HIS A O   1 
ATOM   245 C CB  . HIS A 1 41 ? -11.325 0.977   -3.151  1.00 59.96 ? 125 HIS A CB  1 
ATOM   246 C CG  . HIS A 1 41 ? -12.762 0.649   -2.889  1.00 66.21 ? 125 HIS A CG  1 
ATOM   247 N ND1 . HIS A 1 41 ? -13.237 -0.645  -2.868  1.00 61.59 ? 125 HIS A ND1 1 
ATOM   248 C CD2 . HIS A 1 41 ? -13.830 1.445   -2.646  1.00 64.23 ? 125 HIS A CD2 1 
ATOM   249 C CE1 . HIS A 1 41 ? -14.535 -0.633  -2.621  1.00 64.17 ? 125 HIS A CE1 1 
ATOM   250 N NE2 . HIS A 1 41 ? -14.919 0.623   -2.481  1.00 66.16 ? 125 HIS A NE2 1 
ATOM   251 N N   . GLU A 1 42 ? -12.936 1.136   -6.050  1.00 61.19 ? 126 GLU A N   1 
ATOM   252 C CA  . GLU A 1 42 ? -14.028 1.769   -6.778  1.00 61.37 ? 126 GLU A CA  1 
ATOM   253 C C   . GLU A 1 42 ? -15.317 1.023   -6.473  1.00 68.30 ? 126 GLU A C   1 
ATOM   254 O O   . GLU A 1 42 ? -15.289 -0.150  -6.100  1.00 72.75 ? 126 GLU A O   1 
ATOM   255 C CB  . GLU A 1 42 ? -13.770 1.773   -8.294  1.00 61.10 ? 126 GLU A CB  1 
ATOM   256 C CG  . GLU A 1 42 ? -12.446 2.403   -8.702  1.00 69.16 ? 126 GLU A CG  1 
ATOM   257 C CD  . GLU A 1 42 ? -12.249 2.428   -10.205 1.00 87.01 ? 126 GLU A CD  1 
ATOM   258 O OE1 . GLU A 1 42 ? -12.589 1.426   -10.870 1.00 89.30 ? 126 GLU A OE1 1 
ATOM   259 O OE2 . GLU A 1 42 ? -11.755 3.453   -10.721 1.00 91.51 ? 126 GLU A OE2 1 
ATOM   260 N N   . GLU A 1 43 ? -16.450 1.703   -6.624  1.00 66.23 ? 127 GLU A N   1 
ATOM   261 C CA  . GLU A 1 43 ? -17.730 1.019   -6.486  1.00 74.00 ? 127 GLU A CA  1 
ATOM   262 C C   . GLU A 1 43 ? -18.814 1.816   -7.200  1.00 78.30 ? 127 GLU A C   1 
ATOM   263 O O   . GLU A 1 43 ? -18.540 2.803   -7.892  1.00 77.49 ? 127 GLU A O   1 
ATOM   264 C CB  . GLU A 1 43 ? -18.094 0.776   -5.020  1.00 72.68 ? 127 GLU A CB  1 
ATOM   265 C CG  . GLU A 1 43 ? -18.123 2.001   -4.147  1.00 73.61 ? 127 GLU A CG  1 
ATOM   266 C CD  . GLU A 1 43 ? -18.306 1.633   -2.694  1.00 78.27 ? 127 GLU A CD  1 
ATOM   267 O OE1 . GLU A 1 43 ? -17.335 1.759   -1.918  1.00 77.20 ? 127 GLU A OE1 1 
ATOM   268 O OE2 . GLU A 1 43 ? -19.423 1.208   -2.332  1.00 79.93 ? 127 GLU A OE2 1 
ATOM   269 N N   . LYS A 1 44 ? -20.060 1.378   -7.011  1.00 85.89 ? 128 LYS A N   1 
ATOM   270 C CA  . LYS A 1 44 ? -21.170 1.809   -7.868  1.00 83.63 ? 128 LYS A CA  1 
ATOM   271 C C   . LYS A 1 44 ? -21.787 3.103   -7.343  1.00 83.54 ? 128 LYS A C   1 
ATOM   272 O O   . LYS A 1 44 ? -21.605 4.178   -7.932  1.00 85.90 ? 128 LYS A O   1 
ATOM   273 C CB  . LYS A 1 44 ? -22.238 0.709   -7.947  1.00 79.37 ? 128 LYS A CB  1 
ATOM   274 C CG  . LYS A 1 44 ? -21.825 -0.785  -7.636  1.00 89.46 ? 128 LYS A CG  1 
ATOM   275 C CD  . LYS A 1 44 ? -20.428 -1.292  -8.069  1.00 84.73 ? 128 LYS A CD  1 
ATOM   276 C CE  . LYS A 1 44 ? -20.048 -2.590  -7.334  1.00 82.80 ? 128 LYS A CE  1 
ATOM   277 N NZ  . LYS A 1 44 ? -19.570 -2.280  -5.946  1.00 79.15 ? 128 LYS A NZ  1 
ATOM   278 N N   A GLN A 1 45 ? -22.578 3.011   -6.273  0.50 84.73 ? 129 GLN A N   1 
ATOM   279 N N   B GLN A 1 45 ? -22.461 2.992   -6.184  0.50 84.82 ? 129 GLN A N   1 
ATOM   280 C CA  A GLN A 1 45 ? -23.256 4.162   -5.675  0.50 84.19 ? 129 GLN A CA  1 
ATOM   281 C CA  B GLN A 1 45 ? -23.000 4.018   -5.288  0.50 83.72 ? 129 GLN A CA  1 
ATOM   282 C C   A GLN A 1 45 ? -23.957 5.006   -6.749  0.50 83.81 ? 129 GLN A C   1 
ATOM   283 C C   B GLN A 1 45 ? -24.491 4.205   -5.505  0.50 84.58 ? 129 GLN A C   1 
ATOM   284 O O   A GLN A 1 45 ? -23.574 6.138   -7.060  0.50 79.38 ? 129 GLN A O   1 
ATOM   285 O O   B GLN A 1 45 ? -24.928 4.643   -6.576  0.50 85.53 ? 129 GLN A O   1 
ATOM   286 C CB  A GLN A 1 45 ? -22.265 5.003   -4.866  0.50 81.28 ? 129 GLN A CB  1 
ATOM   287 C CB  B GLN A 1 45 ? -22.269 5.360   -5.405  0.50 80.87 ? 129 GLN A CB  1 
ATOM   288 C CG  A GLN A 1 45 ? -21.415 4.193   -3.901  0.50 80.30 ? 129 GLN A CG  1 
ATOM   289 C CG  B GLN A 1 45 ? -21.144 5.483   -4.408  0.50 79.66 ? 129 GLN A CG  1 
ATOM   290 C CD  A GLN A 1 45 ? -22.250 3.447   -2.881  0.50 80.97 ? 129 GLN A CD  1 
ATOM   291 C CD  B GLN A 1 45 ? -21.422 4.706   -3.142  0.50 80.36 ? 129 GLN A CD  1 
ATOM   292 O OE1 A GLN A 1 45 ? -22.650 2.306   -3.109  0.50 82.31 ? 129 GLN A OE1 1 
ATOM   293 O OE1 B GLN A 1 45 ? -20.838 3.647   -2.907  0.50 81.56 ? 129 GLN A OE1 1 
ATOM   294 N NE2 A GLN A 1 45 ? -22.520 4.088   -1.750  0.50 77.95 ? 129 GLN A NE2 1 
ATOM   295 N NE2 B GLN A 1 45 ? -22.330 5.220   -2.323  0.50 78.61 ? 129 GLN A NE2 1 
ATOM   296 N N   A GLN A 1 46 ? -24.994 4.396   -7.332  0.50 84.84 ? 130 GLN A N   1 
ATOM   297 N N   B GLN A 1 46 ? -25.268 3.848   -4.484  0.50 81.86 ? 130 GLN A N   1 
ATOM   298 C CA  A GLN A 1 46 ? -25.786 5.072   -8.356  0.50 82.40 ? 130 GLN A CA  1 
ATOM   299 C CA  B GLN A 1 46 ? -26.715 4.002   -4.486  0.50 79.18 ? 130 GLN A CA  1 
ATOM   300 C C   A GLN A 1 46 ? -26.478 6.308   -7.797  0.50 82.83 ? 130 GLN A C   1 
ATOM   301 C C   B GLN A 1 46 ? -27.073 5.480   -4.508  0.50 84.24 ? 130 GLN A C   1 
ATOM   302 O O   A GLN A 1 46 ? -26.712 7.275   -8.532  0.50 81.94 ? 130 GLN A O   1 
ATOM   303 O O   B GLN A 1 46 ? -27.269 6.096   -3.455  0.50 84.70 ? 130 GLN A O   1 
ATOM   304 C CB  A GLN A 1 46 ? -26.805 4.090   -8.946  0.50 80.50 ? 130 GLN A CB  1 
ATOM   305 C CB  B GLN A 1 46 ? -27.313 3.305   -3.264  0.50 75.65 ? 130 GLN A CB  1 
ATOM   306 C CG  A GLN A 1 46 ? -28.111 4.716   -9.422  0.50 80.96 ? 130 GLN A CG  1 
ATOM   307 C CG  B GLN A 1 46 ? -28.825 3.346   -3.182  0.50 77.23 ? 130 GLN A CG  1 
ATOM   308 C CD  A GLN A 1 46 ? -29.088 3.690   -9.967  0.50 75.97 ? 130 GLN A CD  1 
ATOM   309 C CD  B GLN A 1 46 ? -29.397 2.149   -2.452  0.50 73.89 ? 130 GLN A CD  1 
ATOM   310 O OE1 A GLN A 1 46 ? -28.846 2.486   -9.899  0.50 74.02 ? 130 GLN A OE1 1 
ATOM   311 O OE1 B GLN A 1 46 ? -28.773 1.089   -2.382  0.50 71.58 ? 130 GLN A OE1 1 
ATOM   312 N NE2 A GLN A 1 46 ? -30.200 4.167   -10.511 0.50 76.66 ? 130 GLN A NE2 1 
ATOM   313 N NE2 B GLN A 1 46 ? -30.593 2.312   -1.903  0.50 69.82 ? 130 GLN A NE2 1 
ATOM   314 N N   A GLU A 1 47 ? -26.792 6.306   -6.504  0.50 83.48 ? 131 GLU A N   1 
ATOM   315 N N   B GLU A 1 47 ? -27.151 6.049   -5.711  0.50 85.06 ? 131 GLU A N   1 
ATOM   316 C CA  A GLU A 1 47 ? -27.462 7.420   -5.850  0.50 85.00 ? 131 GLU A CA  1 
ATOM   317 C CA  B GLU A 1 47 ? -27.428 7.469   -5.923  0.50 85.05 ? 131 GLU A CA  1 
ATOM   318 C C   A GLU A 1 47 ? -26.491 8.413   -5.218  0.50 85.23 ? 131 GLU A C   1 
ATOM   319 C C   B GLU A 1 47 ? -26.480 8.347   -5.104  0.50 84.73 ? 131 GLU A C   1 
ATOM   320 O O   A GLU A 1 47 ? -26.935 9.347   -4.542  0.50 84.33 ? 131 GLU A O   1 
ATOM   321 O O   B GLU A 1 47 ? -26.887 9.095   -4.213  0.50 84.73 ? 131 GLU A O   1 
ATOM   322 C CB  A GLU A 1 47 ? -28.425 6.893   -4.781  0.50 85.56 ? 131 GLU A CB  1 
ATOM   323 C CB  B GLU A 1 47 ? -28.890 7.802   -5.610  0.50 86.50 ? 131 GLU A CB  1 
ATOM   324 C CG  A GLU A 1 47 ? -29.822 6.586   -5.293  0.50 87.66 ? 131 GLU A CG  1 
ATOM   325 C CG  B GLU A 1 47 ? -29.874 6.662   -5.830  0.50 87.25 ? 131 GLU A CG  1 
ATOM   326 C CD  A GLU A 1 47 ? -30.891 6.824   -4.243  0.50 88.81 ? 131 GLU A CD  1 
ATOM   327 C CD  B GLU A 1 47 ? -30.964 6.636   -4.776  0.50 89.07 ? 131 GLU A CD  1 
ATOM   328 O OE1 A GLU A 1 47 ? -32.090 6.809   -4.597  0.50 90.00 ? 131 GLU A OE1 1 
ATOM   329 O OE1 B GLU A 1 47 ? -32.156 6.671   -5.149  0.50 90.58 ? 131 GLU A OE1 1 
ATOM   330 O OE2 A GLU A 1 47 ? -30.532 7.026   -3.063  0.50 88.10 ? 131 GLU A OE2 1 
ATOM   331 O OE2 B GLU A 1 47 ? -30.627 6.587   -3.574  0.50 88.20 ? 131 GLU A OE2 1 
ATOM   332 N N   . GLY A 1 48 ? -25.193 8.237   -5.417  1.00 83.13 ? 132 GLY A N   1 
ATOM   333 C CA  . GLY A 1 48 ? -24.188 9.098   -4.829  1.00 80.70 ? 132 GLY A CA  1 
ATOM   334 C C   . GLY A 1 48 ? -23.413 8.417   -3.712  1.00 80.64 ? 132 GLY A C   1 
ATOM   335 O O   . GLY A 1 48 ? -23.733 7.316   -3.259  1.00 84.33 ? 132 GLY A O   1 
ATOM   336 N N   . GLY A 1 49 ? -22.374 9.114   -3.261  1.00 75.10 ? 133 GLY A N   1 
ATOM   337 C CA  . GLY A 1 49 ? -21.433 8.614   -2.277  1.00 73.91 ? 133 GLY A CA  1 
ATOM   338 C C   . GLY A 1 49 ? -20.024 8.587   -2.836  1.00 70.59 ? 133 GLY A C   1 
ATOM   339 O O   . GLY A 1 49 ? -19.732 9.153   -3.893  1.00 69.94 ? 133 GLY A O   1 
ATOM   340 N N   . ILE A 1 50 ? -19.136 7.913   -2.110  1.00 68.65 ? 134 ILE A N   1 
ATOM   341 C CA  . ILE A 1 50 ? -17.749 7.770   -2.545  1.00 63.38 ? 134 ILE A CA  1 
ATOM   342 C C   . ILE A 1 50 ? -17.693 6.665   -3.594  1.00 63.84 ? 134 ILE A C   1 
ATOM   343 O O   . ILE A 1 50 ? -17.836 5.482   -3.275  1.00 68.30 ? 134 ILE A O   1 
ATOM   344 C CB  . ILE A 1 50 ? -16.812 7.469   -1.370  1.00 59.56 ? 134 ILE A CB  1 
ATOM   345 C CG1 . ILE A 1 50 ? -16.689 8.691   -0.459  1.00 58.31 ? 134 ILE A CG1 1 
ATOM   346 C CG2 . ILE A 1 50 ? -15.436 7.057   -1.878  1.00 62.42 ? 134 ILE A CG2 1 
ATOM   347 C CD1 . ILE A 1 50 ? -16.078 8.386   0.894   1.00 59.69 ? 134 ILE A CD1 1 
ATOM   348 N N   . VAL A 1 51 ? -17.489 7.051   -4.854  1.00 65.36 ? 135 VAL A N   1 
ATOM   349 C CA  . VAL A 1 51 ? -17.459 6.081   -5.943  1.00 64.88 ? 135 VAL A CA  1 
ATOM   350 C C   . VAL A 1 51 ? -16.065 5.525   -6.199  1.00 64.44 ? 135 VAL A C   1 
ATOM   351 O O   . VAL A 1 51 ? -15.935 4.503   -6.888  1.00 66.37 ? 135 VAL A O   1 
ATOM   352 C CB  . VAL A 1 51 ? -18.001 6.695   -7.246  1.00 67.71 ? 135 VAL A CB  1 
ATOM   353 C CG1 . VAL A 1 51 ? -19.426 7.167   -7.053  1.00 73.14 ? 135 VAL A CG1 1 
ATOM   354 C CG2 . VAL A 1 51 ? -17.111 7.840   -7.703  1.00 58.13 ? 135 VAL A CG2 1 
ATOM   355 N N   . SER A 1 52 ? -15.024 6.170   -5.680  1.00 62.10 ? 136 SER A N   1 
ATOM   356 C CA  . SER A 1 52 ? -13.662 5.693   -5.860  1.00 58.24 ? 136 SER A CA  1 
ATOM   357 C C   . SER A 1 52 ? -12.766 6.375   -4.841  1.00 57.30 ? 136 SER A C   1 
ATOM   358 O O   . SER A 1 52 ? -13.044 7.494   -4.401  1.00 58.82 ? 136 SER A O   1 
ATOM   359 C CB  . SER A 1 52 ? -13.146 5.957   -7.279  1.00 61.24 ? 136 SER A CB  1 
ATOM   360 O OG  . SER A 1 52 ? -12.612 7.265   -7.386  1.00 66.35 ? 136 SER A OG  1 
ATOM   361 N N   . LYS A 1 53 ? -11.691 5.686   -4.473  1.00 58.57 ? 137 LYS A N   1 
ATOM   362 C CA  . LYS A 1 53 ? -10.707 6.241   -3.558  1.00 59.58 ? 137 LYS A CA  1 
ATOM   363 C C   . LYS A 1 53 ? -9.374  5.550   -3.793  1.00 56.87 ? 137 LYS A C   1 
ATOM   364 O O   . LYS A 1 53 ? -9.322  4.423   -4.293  1.00 59.09 ? 137 LYS A O   1 
ATOM   365 C CB  . LYS A 1 53 ? -11.150 6.099   -2.095  1.00 55.67 ? 137 LYS A CB  1 
ATOM   366 C CG  . LYS A 1 53 ? -11.345 4.668   -1.614  1.00 58.51 ? 137 LYS A CG  1 
ATOM   367 C CD  . LYS A 1 53 ? -11.825 4.649   -0.168  1.00 54.35 ? 137 LYS A CD  1 
ATOM   368 C CE  . LYS A 1 53 ? -11.952 3.234   0.366   1.00 59.43 ? 137 LYS A CE  1 
ATOM   369 N NZ  . LYS A 1 53 ? -12.419 3.223   1.782   1.00 69.30 ? 137 LYS A NZ  1 
ATOM   370 N N   . ASN A 1 54 ? -8.296  6.245   -3.441  1.00 57.40 ? 138 ASN A N   1 
ATOM   371 C CA  . ASN A 1 54 ? -6.962  5.682   -3.590  1.00 59.39 ? 138 ASN A CA  1 
ATOM   372 C C   . ASN A 1 54 ? -6.009  6.417   -2.661  1.00 55.37 ? 138 ASN A C   1 
ATOM   373 O O   . ASN A 1 54 ? -6.312  7.503   -2.156  1.00 53.49 ? 138 ASN A O   1 
ATOM   374 C CB  . ASN A 1 54 ? -6.477  5.760   -5.040  1.00 56.30 ? 138 ASN A CB  1 
ATOM   375 C CG  . ASN A 1 54 ? -6.689  7.122   -5.650  1.00 65.70 ? 138 ASN A CG  1 
ATOM   376 O OD1 . ASN A 1 54 ? -5.994  8.082   -5.312  1.00 66.61 ? 138 ASN A OD1 1 
ATOM   377 N ND2 . ASN A 1 54 ? -7.665  7.222   -6.546  1.00 69.95 ? 138 ASN A ND2 1 
ATOM   378 N N   . PHE A 1 55 ? -4.853  5.799   -2.436  1.00 54.81 ? 139 PHE A N   1 
ATOM   379 C CA  . PHE A 1 55 ? -3.802  6.384   -1.621  1.00 50.18 ? 139 PHE A CA  1 
ATOM   380 C C   . PHE A 1 55 ? -2.452  5.967   -2.178  1.00 52.34 ? 139 PHE A C   1 
ATOM   381 O O   . PHE A 1 55 ? -2.332  4.974   -2.898  1.00 52.36 ? 139 PHE A O   1 
ATOM   382 C CB  . PHE A 1 55 ? -3.914  5.968   -0.146  1.00 50.06 ? 139 PHE A CB  1 
ATOM   383 C CG  . PHE A 1 55 ? -3.409  4.581   0.140   1.00 50.31 ? 139 PHE A CG  1 
ATOM   384 C CD1 . PHE A 1 55 ? -2.109  4.374   0.581   1.00 54.02 ? 139 PHE A CD1 1 
ATOM   385 C CD2 . PHE A 1 55 ? -4.237  3.482   -0.014  1.00 50.73 ? 139 PHE A CD2 1 
ATOM   386 C CE1 . PHE A 1 55 ? -1.642  3.098   0.850   1.00 52.93 ? 139 PHE A CE1 1 
ATOM   387 C CE2 . PHE A 1 55 ? -3.776  2.204   0.258   1.00 52.67 ? 139 PHE A CE2 1 
ATOM   388 C CZ  . PHE A 1 55 ? -2.477  2.012   0.688   1.00 52.60 ? 139 PHE A CZ  1 
ATOM   389 N N   . THR A 1 56 ? -1.428  6.739   -1.825  1.00 52.30 ? 140 THR A N   1 
ATOM   390 C CA  . THR A 1 56 ? -0.064  6.448   -2.238  1.00 54.08 ? 140 THR A CA  1 
ATOM   391 C C   . THR A 1 56 ? 0.877   6.865   -1.120  1.00 56.73 ? 140 THR A C   1 
ATOM   392 O O   . THR A 1 56 ? 0.718   7.948   -0.548  1.00 57.46 ? 140 THR A O   1 
ATOM   393 C CB  . THR A 1 56 ? 0.296   7.180   -3.536  1.00 53.53 ? 140 THR A CB  1 
ATOM   394 O OG1 . THR A 1 56 ? -0.762  7.016   -4.488  1.00 65.29 ? 140 THR A OG1 1 
ATOM   395 C CG2 . THR A 1 56 ? 1.579   6.624   -4.120  1.00 59.75 ? 140 THR A CG2 1 
ATOM   396 N N   . LYS A 1 57 ? 1.841   6.001   -0.806  1.00 53.40 ? 141 LYS A N   1 
ATOM   397 C CA  . LYS A 1 57 ? 2.869   6.282   0.189   1.00 57.79 ? 141 LYS A CA  1 
ATOM   398 C C   . LYS A 1 57 ? 4.225   5.946   -0.412  1.00 61.75 ? 141 LYS A C   1 
ATOM   399 O O   . LYS A 1 57 ? 4.440   4.817   -0.869  1.00 62.75 ? 141 LYS A O   1 
ATOM   400 C CB  . LYS A 1 57 ? 2.640   5.473   1.468   1.00 55.49 ? 141 LYS A CB  1 
ATOM   401 C CG  . LYS A 1 57 ? 1.456   5.924   2.303   1.00 53.08 ? 141 LYS A CG  1 
ATOM   402 C CD  . LYS A 1 57 ? 1.309   5.049   3.537   1.00 55.77 ? 141 LYS A CD  1 
ATOM   403 C CE  . LYS A 1 57 ? 0.377   5.666   4.562   1.00 58.27 ? 141 LYS A CE  1 
ATOM   404 N NZ  . LYS A 1 57 ? -1.038  5.729   4.098   1.00 62.37 ? 141 LYS A NZ  1 
ATOM   405 N N   . LYS A 1 58 ? 5.136   6.917   -0.414  1.00 61.18 ? 142 LYS A N   1 
ATOM   406 C CA  . LYS A 1 58 ? 6.495   6.717   -0.902  1.00 60.54 ? 142 LYS A CA  1 
ATOM   407 C C   . LYS A 1 58 ? 7.415   6.456   0.286   1.00 61.56 ? 142 LYS A C   1 
ATOM   408 O O   . LYS A 1 58 ? 7.516   7.291   1.192   1.00 64.94 ? 142 LYS A O   1 
ATOM   409 C CB  . LYS A 1 58 ? 6.978   7.924   -1.707  1.00 56.85 ? 142 LYS A CB  1 
ATOM   410 C CG  . LYS A 1 58 ? 8.387   7.771   -2.273  1.00 61.86 ? 142 LYS A CG  1 
ATOM   411 C CD  . LYS A 1 58 ? 8.492   8.292   -3.703  1.00 62.82 ? 142 LYS A CD  1 
ATOM   412 C CE  . LYS A 1 58 ? 9.115   9.680   -3.758  1.00 66.60 ? 142 LYS A CE  1 
ATOM   413 N NZ  . LYS A 1 58 ? 9.947   9.867   -4.983  1.00 65.49 ? 142 LYS A NZ  1 
ATOM   414 N N   . ILE A 1 59 ? 8.076   5.301   0.283   1.00 58.50 ? 143 ILE A N   1 
ATOM   415 C CA  . ILE A 1 59 ? 8.982   4.894   1.352   1.00 62.20 ? 143 ILE A CA  1 
ATOM   416 C C   . ILE A 1 59 ? 10.403  4.939   0.812   1.00 65.74 ? 143 ILE A C   1 
ATOM   417 O O   . ILE A 1 59 ? 10.712  4.292   -0.198  1.00 62.62 ? 143 ILE A O   1 
ATOM   418 C CB  . ILE A 1 59 ? 8.649   3.491   1.881   1.00 62.63 ? 143 ILE A CB  1 
ATOM   419 C CG1 . ILE A 1 59 ? 7.186   3.408   2.317   1.00 57.33 ? 143 ILE A CG1 1 
ATOM   420 C CG2 . ILE A 1 59 ? 9.570   3.120   3.036   1.00 65.20 ? 143 ILE A CG2 1 
ATOM   421 C CD1 . ILE A 1 59 ? 6.759   2.006   2.718   1.00 55.16 ? 143 ILE A CD1 1 
ATOM   422 N N   . GLN A 1 60 ? 11.267  5.693   1.484   1.00 65.24 ? 144 GLN A N   1 
ATOM   423 C CA  . GLN A 1 60 ? 12.690  5.711   1.174   1.00 69.50 ? 144 GLN A CA  1 
ATOM   424 C C   . GLN A 1 60 ? 13.386  4.634   1.999   1.00 72.02 ? 144 GLN A C   1 
ATOM   425 O O   . GLN A 1 60 ? 13.278  4.621   3.230   1.00 71.76 ? 144 GLN A O   1 
ATOM   426 C CB  . GLN A 1 60 ? 13.292  7.084   1.462   1.00 72.13 ? 144 GLN A CB  1 
ATOM   427 C CG  . GLN A 1 60 ? 14.791  7.173   1.241   1.00 73.67 ? 144 GLN A CG  1 
ATOM   428 C CD  . GLN A 1 60 ? 15.332  8.555   1.553   1.00 80.67 ? 144 GLN A CD  1 
ATOM   429 O OE1 . GLN A 1 60 ? 15.407  9.414   0.675   1.00 82.84 ? 144 GLN A OE1 1 
ATOM   430 N NE2 . GLN A 1 60 ? 15.706  8.779   2.809   1.00 81.21 ? 144 GLN A NE2 1 
ATOM   431 N N   . LEU A 1 61 ? 14.082  3.728   1.321   1.00 73.65 ? 145 LEU A N   1 
ATOM   432 C CA  . LEU A 1 61 ? 14.788  2.646   1.983   1.00 68.08 ? 145 LEU A CA  1 
ATOM   433 C C   . LEU A 1 61 ? 16.116  3.142   2.549   1.00 68.16 ? 145 LEU A C   1 
ATOM   434 O O   . LEU A 1 61 ? 16.612  4.202   2.155   1.00 69.93 ? 145 LEU A O   1 
ATOM   435 C CB  . LEU A 1 61 ? 15.027  1.505   0.998   1.00 69.64 ? 145 LEU A CB  1 
ATOM   436 C CG  . LEU A 1 61 ? 13.792  0.761   0.492   1.00 61.94 ? 145 LEU A CG  1 
ATOM   437 C CD1 . LEU A 1 61 ? 14.164  -0.180  -0.644  1.00 65.46 ? 145 LEU A CD1 1 
ATOM   438 C CD2 . LEU A 1 61 ? 13.131  -0.001  1.627   1.00 66.16 ? 145 LEU A CD2 1 
ATOM   439 N N   . PRO A 1 62 ? 16.707  2.401   3.492   1.00 69.11 ? 146 PRO A N   1 
ATOM   440 C CA  . PRO A 1 62 ? 18.042  2.764   3.980   1.00 72.65 ? 146 PRO A CA  1 
ATOM   441 C C   . PRO A 1 62 ? 19.044  2.828   2.835   1.00 74.47 ? 146 PRO A C   1 
ATOM   442 O O   . PRO A 1 62 ? 18.936  2.105   1.845   1.00 78.21 ? 146 PRO A O   1 
ATOM   443 C CB  . PRO A 1 62 ? 18.379  1.639   4.961   1.00 74.13 ? 146 PRO A CB  1 
ATOM   444 C CG  . PRO A 1 62 ? 17.054  1.151   5.432   1.00 68.80 ? 146 PRO A CG  1 
ATOM   445 C CD  . PRO A 1 62 ? 16.131  1.278   4.255   1.00 64.79 ? 146 PRO A CD  1 
ATOM   446 N N   . ALA A 1 63 ? 20.028  3.716   2.979   1.00 75.89 ? 147 ALA A N   1 
ATOM   447 C CA  . ALA A 1 63 ? 20.925  4.020   1.868   1.00 79.55 ? 147 ALA A CA  1 
ATOM   448 C C   . ALA A 1 63 ? 21.878  2.880   1.524   1.00 78.67 ? 147 ALA A C   1 
ATOM   449 O O   . ALA A 1 63 ? 22.614  2.998   0.536   1.00 84.91 ? 147 ALA A O   1 
ATOM   450 C CB  . ALA A 1 63 ? 21.726  5.287   2.176   1.00 81.46 ? 147 ALA A CB  1 
ATOM   451 N N   . GLU A 1 64 ? 21.884  1.787   2.286   1.00 74.56 ? 148 GLU A N   1 
ATOM   452 C CA  . GLU A 1 64 ? 22.821  0.699   2.044   1.00 75.12 ? 148 GLU A CA  1 
ATOM   453 C C   . GLU A 1 64 ? 22.201  -0.496  1.331   1.00 77.76 ? 148 GLU A C   1 
ATOM   454 O O   . GLU A 1 64 ? 22.943  -1.365  0.864   1.00 77.62 ? 148 GLU A O   1 
ATOM   455 C CB  . GLU A 1 64 ? 23.442  0.231   3.367   1.00 77.00 ? 148 GLU A CB  1 
ATOM   456 C CG  . GLU A 1 64 ? 22.636  -0.834  4.096   1.00 78.35 ? 148 GLU A CG  1 
ATOM   457 C CD  . GLU A 1 64 ? 21.664  -0.246  5.102   1.00 85.12 ? 148 GLU A CD  1 
ATOM   458 O OE1 . GLU A 1 64 ? 20.998  -1.028  5.814   1.00 86.06 ? 148 GLU A OE1 1 
ATOM   459 O OE2 . GLU A 1 64 ? 21.570  0.998   5.180   1.00 86.22 ? 148 GLU A OE2 1 
ATOM   460 N N   . VAL A 1 65 ? 20.872  -0.566  1.227   1.00 72.67 ? 149 VAL A N   1 
ATOM   461 C CA  . VAL A 1 65 ? 20.252  -1.735  0.618   1.00 70.61 ? 149 VAL A CA  1 
ATOM   462 C C   . VAL A 1 65 ? 20.470  -1.708  -0.891  1.00 67.93 ? 149 VAL A C   1 
ATOM   463 O O   . VAL A 1 65 ? 20.568  -0.642  -1.515  1.00 65.22 ? 149 VAL A O   1 
ATOM   464 C CB  . VAL A 1 65 ? 18.750  -1.813  0.949   1.00 68.77 ? 149 VAL A CB  1 
ATOM   465 C CG1 . VAL A 1 65 ? 18.544  -2.088  2.431   1.00 73.12 ? 149 VAL A CG1 1 
ATOM   466 C CG2 . VAL A 1 65 ? 18.031  -0.549  0.506   1.00 70.25 ? 149 VAL A CG2 1 
ATOM   467 N N   . ASP A 1 66 ? 20.556  -2.897  -1.481  1.00 67.36 ? 150 ASP A N   1 
ATOM   468 C CA  . ASP A 1 66 ? 20.615  -3.017  -2.923  1.00 67.42 ? 150 ASP A CA  1 
ATOM   469 C C   . ASP A 1 66 ? 19.293  -2.562  -3.538  1.00 67.35 ? 150 ASP A C   1 
ATOM   470 O O   . ASP A 1 66 ? 18.260  -2.538  -2.865  1.00 69.26 ? 150 ASP A O   1 
ATOM   471 C CB  . ASP A 1 66 ? 20.904  -4.461  -3.328  1.00 64.84 ? 150 ASP A CB  1 
ATOM   472 C CG  . ASP A 1 66 ? 22.217  -4.969  -2.775  1.00 67.21 ? 150 ASP A CG  1 
ATOM   473 O OD1 . ASP A 1 66 ? 23.049  -4.131  -2.369  1.00 67.81 ? 150 ASP A OD1 1 
ATOM   474 O OD2 . ASP A 1 66 ? 22.416  -6.204  -2.752  1.00 66.75 ? 150 ASP A OD2 1 
ATOM   475 N N   . PRO A 1 67 ? 19.307  -2.181  -4.814  1.00 65.80 ? 151 PRO A N   1 
ATOM   476 C CA  . PRO A 1 67 ? 18.046  -1.929  -5.515  1.00 60.73 ? 151 PRO A CA  1 
ATOM   477 C C   . PRO A 1 67 ? 17.207  -3.197  -5.601  1.00 64.58 ? 151 PRO A C   1 
ATOM   478 O O   . PRO A 1 67 ? 17.701  -4.312  -5.414  1.00 67.60 ? 151 PRO A O   1 
ATOM   479 C CB  . PRO A 1 67 ? 18.496  -1.458  -6.903  1.00 64.62 ? 151 PRO A CB  1 
ATOM   480 C CG  . PRO A 1 67 ? 19.891  -0.949  -6.695  1.00 60.82 ? 151 PRO A CG  1 
ATOM   481 C CD  . PRO A 1 67 ? 20.478  -1.826  -5.634  1.00 63.51 ? 151 PRO A CD  1 
ATOM   482 N N   . VAL A 1 68 ? 15.918  -3.002  -5.902  1.00 63.57 ? 152 VAL A N   1 
ATOM   483 C CA  . VAL A 1 68 ? 14.883  -4.041  -5.961  1.00 59.70 ? 152 VAL A CA  1 
ATOM   484 C C   . VAL A 1 68 ? 15.105  -5.132  -4.916  1.00 59.18 ? 152 VAL A C   1 
ATOM   485 O O   . VAL A 1 68 ? 14.944  -6.325  -5.200  1.00 61.57 ? 152 VAL A O   1 
ATOM   486 C CB  . VAL A 1 68 ? 14.762  -4.642  -7.380  1.00 56.84 ? 152 VAL A CB  1 
ATOM   487 C CG1 . VAL A 1 68 ? 14.209  -3.604  -8.350  1.00 58.22 ? 152 VAL A CG1 1 
ATOM   488 C CG2 . VAL A 1 68 ? 16.090  -5.201  -7.895  1.00 58.15 ? 152 VAL A CG2 1 
ATOM   489 N N   . THR A 1 69 ? 15.453  -4.725  -3.697  1.00 59.81 ? 153 THR A N   1 
ATOM   490 C CA  . THR A 1 69 ? 15.648  -5.633  -2.566  1.00 61.41 ? 153 THR A CA  1 
ATOM   491 C C   . THR A 1 69 ? 14.683  -5.206  -1.464  1.00 62.81 ? 153 THR A C   1 
ATOM   492 O O   . THR A 1 69 ? 14.948  -4.246  -0.734  1.00 61.16 ? 153 THR A O   1 
ATOM   493 C CB  . THR A 1 69 ? 17.095  -5.609  -2.078  1.00 64.65 ? 153 THR A CB  1 
ATOM   494 O OG1 . THR A 1 69 ? 17.970  -5.997  -3.145  1.00 64.78 ? 153 THR A OG1 1 
ATOM   495 C CG2 . THR A 1 69 ? 17.276  -6.565  -0.909  1.00 61.34 ? 153 THR A CG2 1 
ATOM   496 N N   . VAL A 1 70 ? 13.563  -5.923  -1.342  1.00 60.53 ? 154 VAL A N   1 
ATOM   497 C CA  . VAL A 1 70 ? 12.500  -5.564  -0.411  1.00 62.47 ? 154 VAL A CA  1 
ATOM   498 C C   . VAL A 1 70 ? 11.742  -6.826  -0.025  1.00 58.67 ? 154 VAL A C   1 
ATOM   499 O O   . VAL A 1 70 ? 11.742  -7.825  -0.748  1.00 59.72 ? 154 VAL A O   1 
ATOM   500 C CB  . VAL A 1 70 ? 11.539  -4.510  -1.021  1.00 57.54 ? 154 VAL A CB  1 
ATOM   501 C CG1 . VAL A 1 70 ? 10.668  -5.137  -2.101  1.00 53.74 ? 154 VAL A CG1 1 
ATOM   502 C CG2 . VAL A 1 70 ? 10.685  -3.852  0.058   1.00 59.71 ? 154 VAL A CG2 1 
ATOM   503 N N   . THR A 1 71 ? 11.102  -6.779  1.140   1.00 58.22 ? 155 THR A N   1 
ATOM   504 C CA  . THR A 1 71 ? 10.216  -7.835  1.611   1.00 60.56 ? 155 THR A CA  1 
ATOM   505 C C   . THR A 1 71 ? 8.911   -7.197  2.059   1.00 61.28 ? 155 THR A C   1 
ATOM   506 O O   . THR A 1 71 ? 8.925   -6.247  2.848   1.00 65.50 ? 155 THR A O   1 
ATOM   507 C CB  . THR A 1 71 ? 10.845  -8.620  2.770   1.00 60.06 ? 155 THR A CB  1 
ATOM   508 O OG1 . THR A 1 71 ? 12.084  -9.201  2.345   1.00 66.42 ? 155 THR A OG1 1 
ATOM   509 C CG2 . THR A 1 71 ? 9.907   -9.720  3.247   1.00 58.57 ? 155 THR A CG2 1 
ATOM   510 N N   . SER A 1 72 ? 7.788   -7.700  1.549   1.00 58.90 ? 156 SER A N   1 
ATOM   511 C CA  . SER A 1 72 ? 6.480   -7.220  1.969   1.00 56.69 ? 156 SER A CA  1 
ATOM   512 C C   . SER A 1 72 ? 5.607   -8.400  2.367   1.00 61.32 ? 156 SER A C   1 
ATOM   513 O O   . SER A 1 72 ? 5.762   -9.513  1.854   1.00 57.84 ? 156 SER A O   1 
ATOM   514 C CB  . SER A 1 72 ? 5.776   -6.400  0.876   1.00 56.98 ? 156 SER A CB  1 
ATOM   515 O OG  . SER A 1 72 ? 5.436   -7.203  -0.236  1.00 64.89 ? 156 SER A OG  1 
ATOM   516 N N   . SER A 1 73 ? 4.687   -8.138  3.289   1.00 55.99 ? 157 SER A N   1 
ATOM   517 C CA  . SER A 1 73 ? 3.796   -9.166  3.812   1.00 55.75 ? 157 SER A CA  1 
ATOM   518 C C   . SER A 1 73 ? 2.659   -8.479  4.552   1.00 55.06 ? 157 SER A C   1 
ATOM   519 O O   . SER A 1 73 ? 2.706   -7.279  4.829   1.00 56.12 ? 157 SER A O   1 
ATOM   520 C CB  . SER A 1 73 ? 4.540   -10.131 4.736   1.00 58.89 ? 157 SER A CB  1 
ATOM   521 O OG  . SER A 1 73 ? 5.156   -9.423  5.797   1.00 57.96 ? 157 SER A OG  1 
ATOM   522 N N   . LEU A 1 74 ? 1.639   -9.265  4.881   1.00 54.28 ? 158 LEU A N   1 
ATOM   523 C CA  . LEU A 1 74 ? 0.464   -8.782  5.593   1.00 56.16 ? 158 LEU A CA  1 
ATOM   524 C C   . LEU A 1 74 ? 0.493   -9.317  7.018   1.00 58.22 ? 158 LEU A C   1 
ATOM   525 O O   . LEU A 1 74 ? 0.502   -10.536 7.226   1.00 61.17 ? 158 LEU A O   1 
ATOM   526 C CB  . LEU A 1 74 ? -0.817  -9.212  4.880   1.00 53.77 ? 158 LEU A CB  1 
ATOM   527 C CG  . LEU A 1 74 ? -1.069  -8.543  3.530   1.00 60.74 ? 158 LEU A CG  1 
ATOM   528 C CD1 . LEU A 1 74 ? -2.296  -9.137  2.857   1.00 64.11 ? 158 LEU A CD1 1 
ATOM   529 C CD2 . LEU A 1 74 ? -1.222  -7.042  3.702   1.00 58.49 ? 158 LEU A CD2 1 
ATOM   530 N N   . SER A 1 75 ? 0.510   -8.408  7.991   1.00 56.89 ? 159 SER A N   1 
ATOM   531 C CA  . SER A 1 75 ? 0.478   -8.793  9.392   1.00 58.49 ? 159 SER A CA  1 
ATOM   532 C C   . SER A 1 75 ? -0.880  -9.401  9.739   1.00 61.65 ? 159 SER A C   1 
ATOM   533 O O   . SER A 1 75 ? -1.858  -9.212  9.009   1.00 62.33 ? 159 SER A O   1 
ATOM   534 C CB  . SER A 1 75 ? 0.754   -7.579  10.276  1.00 56.41 ? 159 SER A CB  1 
ATOM   535 O OG  . SER A 1 75 ? -0.440  -6.869  10.543  1.00 59.57 ? 159 SER A OG  1 
ATOM   536 N N   . PRO A 1 76 ? -0.967  -10.147 10.847  1.00 61.09 ? 160 PRO A N   1 
ATOM   537 C CA  . PRO A 1 76 ? -2.270  -10.713 11.241  1.00 53.15 ? 160 PRO A CA  1 
ATOM   538 C C   . PRO A 1 76 ? -3.351  -9.667  11.429  1.00 56.15 ? 160 PRO A C   1 
ATOM   539 O O   . PRO A 1 76 ? -4.533  -9.959  11.206  1.00 54.78 ? 160 PRO A O   1 
ATOM   540 C CB  . PRO A 1 76 ? -1.953  -11.433 12.558  1.00 58.91 ? 160 PRO A CB  1 
ATOM   541 C CG  . PRO A 1 76 ? -0.504  -11.736 12.486  1.00 57.24 ? 160 PRO A CG  1 
ATOM   542 C CD  . PRO A 1 76 ? 0.116   -10.591 11.743  1.00 60.50 ? 160 PRO A CD  1 
ATOM   543 N N   . GLU A 1 77 ? -2.983  -8.454  11.836  1.00 55.29 ? 161 GLU A N   1 
ATOM   544 C CA  . GLU A 1 77 ? -3.939  -7.368  11.994  1.00 55.55 ? 161 GLU A CA  1 
ATOM   545 C C   . GLU A 1 77 ? -4.298  -6.704  10.674  1.00 57.52 ? 161 GLU A C   1 
ATOM   546 O O   . GLU A 1 77 ? -5.157  -5.817  10.658  1.00 58.65 ? 161 GLU A O   1 
ATOM   547 C CB  . GLU A 1 77 ? -3.385  -6.319  12.962  1.00 58.54 ? 161 GLU A CB  1 
ATOM   548 C CG  . GLU A 1 77 ? -3.081  -6.848  14.356  1.00 55.86 ? 161 GLU A CG  1 
ATOM   549 C CD  . GLU A 1 77 ? -1.694  -7.456  14.472  1.00 61.88 ? 161 GLU A CD  1 
ATOM   550 O OE1 . GLU A 1 77 ? -0.959  -7.483  13.461  1.00 62.02 ? 161 GLU A OE1 1 
ATOM   551 O OE2 . GLU A 1 77 ? -1.335  -7.906  15.580  1.00 65.29 ? 161 GLU A OE2 1 
ATOM   552 N N   . GLY A 1 78 ? -3.667  -7.106  9.577   1.00 59.97 ? 162 GLY A N   1 
ATOM   553 C CA  . GLY A 1 78 ? -3.917  -6.509  8.285   1.00 59.85 ? 162 GLY A CA  1 
ATOM   554 C C   . GLY A 1 78 ? -2.982  -5.387  7.897   1.00 57.98 ? 162 GLY A C   1 
ATOM   555 O O   . GLY A 1 78 ? -3.278  -4.666  6.938   1.00 60.03 ? 162 GLY A O   1 
ATOM   556 N N   . LEU A 1 79 ? -1.876  -5.209  8.610   1.00 59.46 ? 163 LEU A N   1 
ATOM   557 C CA  . LEU A 1 79 ? -0.908  -4.181  8.262   1.00 57.64 ? 163 LEU A CA  1 
ATOM   558 C C   . LEU A 1 79 ? -0.014  -4.655  7.123   1.00 61.64 ? 163 LEU A C   1 
ATOM   559 O O   . LEU A 1 79 ? 0.308   -5.841  7.010   1.00 62.58 ? 163 LEU A O   1 
ATOM   560 C CB  . LEU A 1 79 ? -0.047  -3.820  9.472   1.00 56.83 ? 163 LEU A CB  1 
ATOM   561 C CG  . LEU A 1 79 ? -0.768  -3.255  10.694  1.00 57.45 ? 163 LEU A CG  1 
ATOM   562 C CD1 . LEU A 1 79 ? -0.109  -3.746  11.969  1.00 53.94 ? 163 LEU A CD1 1 
ATOM   563 C CD2 . LEU A 1 79 ? -0.772  -1.740  10.636  1.00 57.98 ? 163 LEU A CD2 1 
ATOM   564 N N   . LEU A 1 80 ? 0.386   -3.711  6.274   1.00 61.24 ? 164 LEU A N   1 
ATOM   565 C CA  . LEU A 1 80 ? 1.354   -3.985  5.217   1.00 58.25 ? 164 LEU A CA  1 
ATOM   566 C C   . LEU A 1 80 ? 2.746   -3.719  5.775   1.00 55.52 ? 164 LEU A C   1 
ATOM   567 O O   . LEU A 1 80 ? 3.085   -2.578  6.104   1.00 58.57 ? 164 LEU A O   1 
ATOM   568 C CB  . LEU A 1 80 ? 1.078   -3.133  3.981   1.00 56.67 ? 164 LEU A CB  1 
ATOM   569 C CG  . LEU A 1 80 ? 1.970   -3.440  2.773   1.00 53.91 ? 164 LEU A CG  1 
ATOM   570 C CD1 . LEU A 1 80 ? 2.118   -4.943  2.577   1.00 57.01 ? 164 LEU A CD1 1 
ATOM   571 C CD2 . LEU A 1 80 ? 1.424   -2.791  1.513   1.00 55.71 ? 164 LEU A CD2 1 
ATOM   572 N N   . ILE A 1 81 ? 3.544   -4.775  5.890   1.00 54.83 ? 165 ILE A N   1 
ATOM   573 C CA  . ILE A 1 81 ? 4.868   -4.709  6.493   1.00 56.79 ? 165 ILE A CA  1 
ATOM   574 C C   . ILE A 1 81 ? 5.899   -4.591  5.379   1.00 61.85 ? 165 ILE A C   1 
ATOM   575 O O   . ILE A 1 81 ? 6.026   -5.493  4.541   1.00 59.38 ? 165 ILE A O   1 
ATOM   576 C CB  . ILE A 1 81 ? 5.139   -5.945  7.364   1.00 54.90 ? 165 ILE A CB  1 
ATOM   577 C CG1 . ILE A 1 81 ? 4.052   -6.091  8.432   1.00 60.65 ? 165 ILE A CG1 1 
ATOM   578 C CG2 . ILE A 1 81 ? 6.525   -5.875  7.973   1.00 55.40 ? 165 ILE A CG2 1 
ATOM   579 C CD1 . ILE A 1 81 ? 3.822   -4.847  9.259   1.00 58.00 ? 165 ILE A CD1 1 
ATOM   580 N N   . ILE A 1 82 ? 6.633   -3.482  5.360   1.00 58.08 ? 166 ILE A N   1 
ATOM   581 C CA  . ILE A 1 82 ? 7.699   -3.250  4.392   1.00 60.76 ? 166 ILE A CA  1 
ATOM   582 C C   . ILE A 1 82 ? 9.021   -3.272  5.142   1.00 62.01 ? 166 ILE A C   1 
ATOM   583 O O   . ILE A 1 82 ? 9.208   -2.521  6.107   1.00 69.81 ? 166 ILE A O   1 
ATOM   584 C CB  . ILE A 1 82 ? 7.512   -1.921  3.646   1.00 59.05 ? 166 ILE A CB  1 
ATOM   585 C CG1 . ILE A 1 82 ? 6.169   -1.898  2.916   1.00 60.73 ? 166 ILE A CG1 1 
ATOM   586 C CG2 . ILE A 1 82 ? 8.659   -1.693  2.671   1.00 60.99 ? 166 ILE A CG2 1 
ATOM   587 C CD1 . ILE A 1 82 ? 6.072   -2.906  1.795   1.00 53.03 ? 166 ILE A CD1 1 
ATOM   588 N N   . GLU A 1 83 ? 9.938   -4.133  4.706   1.00 62.26 ? 167 GLU A N   1 
ATOM   589 C CA  . GLU A 1 83 ? 11.251  -4.230  5.324   1.00 68.27 ? 167 GLU A CA  1 
ATOM   590 C C   . GLU A 1 83 ? 12.301  -4.493  4.254   1.00 74.85 ? 167 GLU A C   1 
ATOM   591 O O   . GLU A 1 83 ? 11.986  -4.884  3.126   1.00 71.58 ? 167 GLU A O   1 
ATOM   592 C CB  . GLU A 1 83 ? 11.293  -5.323  6.405   1.00 71.46 ? 167 GLU A CB  1 
ATOM   593 C CG  . GLU A 1 83 ? 10.579  -6.612  6.043   1.00 71.67 ? 167 GLU A CG  1 
ATOM   594 C CD  . GLU A 1 83 ? 10.585  -7.618  7.183   1.00 75.69 ? 167 GLU A CD  1 
ATOM   595 O OE1 . GLU A 1 83 ? 9.666   -8.466  7.233   1.00 71.06 ? 167 GLU A OE1 1 
ATOM   596 O OE2 . GLU A 1 83 ? 11.509  -7.562  8.025   1.00 78.44 ? 167 GLU A OE2 1 
ATOM   597 N N   . ALA A 1 84 ? 13.559  -4.261  4.620   1.00 74.48 ? 168 ALA A N   1 
ATOM   598 C CA  . ALA A 1 84 ? 14.681  -4.483  3.715   1.00 75.36 ? 168 ALA A CA  1 
ATOM   599 C C   . ALA A 1 84 ? 14.830  -5.967  3.375   1.00 78.51 ? 168 ALA A C   1 
ATOM   600 O O   . ALA A 1 84 ? 14.531  -6.844  4.189   1.00 78.67 ? 168 ALA A O   1 
ATOM   601 C CB  . ALA A 1 84 ? 15.968  -3.948  4.328   1.00 66.72 ? 168 ALA A CB  1 
ATOM   602 O OXT . ALA A 1 84 ? 15.249  -6.324  2.273   1.00 77.56 ? 168 ALA A OXT 1 
HETATM 603 S S   . SO4 B 2 .  ? -9.789  4.921   4.228   1.00 67.45 ? 201 SO4 A S   1 
HETATM 604 O O1  . SO4 B 2 .  ? -9.758  3.486   3.971   1.00 63.25 ? 201 SO4 A O1  1 
HETATM 605 O O2  . SO4 B 2 .  ? -10.754 5.547   3.330   1.00 69.42 ? 201 SO4 A O2  1 
HETATM 606 O O3  . SO4 B 2 .  ? -8.459  5.480   3.985   1.00 61.41 ? 201 SO4 A O3  1 
HETATM 607 O O4  . SO4 B 2 .  ? -10.186 5.155   5.618   1.00 63.76 ? 201 SO4 A O4  1 
HETATM 608 C C1  . GOL C 3 .  ? -10.901 2.342   12.223  0.70 66.87 ? 202 GOL A C1  1 
HETATM 609 O O1  . GOL C 3 .  ? -10.385 1.156   12.756  0.70 67.75 ? 202 GOL A O1  1 
HETATM 610 C C2  . GOL C 3 .  ? -9.722  3.347   12.081  0.70 68.73 ? 202 GOL A C2  1 
HETATM 611 O O2  . GOL C 3 .  ? -10.165 4.646   11.873  0.70 65.46 ? 202 GOL A O2  1 
HETATM 612 C C3  . GOL C 3 .  ? -8.870  2.818   10.891  0.70 69.52 ? 202 GOL A C3  1 
HETATM 613 O O3  . GOL C 3 .  ? -9.690  2.834   9.759   0.70 69.52 ? 202 GOL A O3  1 
HETATM 614 O O   . HOH D 4 .  ? 7.226   -7.929  5.353   1.00 61.48 ? 301 HOH A O   1 
HETATM 615 O O   . HOH D 4 .  ? 1.867   3.773   -9.327  1.00 65.79 ? 302 HOH A O   1 
HETATM 616 O O   . HOH D 4 .  ? -2.955  -6.686  -4.090  1.00 58.60 ? 303 HOH A O   1 
HETATM 617 O O   . HOH D 4 .  ? -6.531  -2.010  7.812   1.00 60.57 ? 304 HOH A O   1 
HETATM 618 O O   . HOH D 4 .  ? -10.318 8.274   -6.503  1.00 59.31 ? 305 HOH A O   1 
HETATM 619 O O   . HOH D 4 .  ? 19.755  -7.914  -2.630  1.00 62.46 ? 306 HOH A O   1 
HETATM 620 O O   . HOH D 4 .  ? -8.056  -2.229  -7.072  1.00 61.22 ? 307 HOH A O   1 
HETATM 621 O O   . HOH D 4 .  ? -3.810  -2.114  7.682   1.00 55.80 ? 308 HOH A O   1 
HETATM 622 O O   . HOH D 4 .  ? 2.334   1.426   -5.618  1.00 59.74 ? 309 HOH A O   1 
HETATM 623 O O   . HOH D 4 .  ? 14.577  -0.768  -4.652  1.00 56.80 ? 310 HOH A O   1 
HETATM 624 O O   . HOH D 4 .  ? -8.268  7.365   -0.049  1.00 55.19 ? 311 HOH A O   1 
HETATM 625 O O   . HOH D 4 .  ? -12.039 -1.176  0.049   1.00 56.74 ? 312 HOH A O   1 
HETATM 626 O O   . HOH D 4 .  ? 0.131   4.619   -7.879  1.00 66.54 ? 313 HOH A O   1 
# 
